data_3H2L
#
_entry.id   3H2L
#
_cell.length_a   86.548
_cell.length_b   106.908
_cell.length_c   126.575
_cell.angle_alpha   90.00
_cell.angle_beta   90.00
_cell.angle_gamma   90.00
#
_symmetry.space_group_name_H-M   'P 21 21 21'
#
loop_
_entity.id
_entity.type
_entity.pdbx_description
1 polymer 'NS5B polymerase'
2 non-polymer N-{3-[(4aR,7aS)-1-(4-fluorobenzyl)-4-hydroxy-2-oxo-2,4a,5,6,7,7a-hexahydro-1H-cyclopenta[b]pyridin-3-yl]-1,1-dioxido-2H-1,2,4-benzothiadiazin-7-yl}methanesulfonamide
3 water water
#
_entity_poly.entity_id   1
_entity_poly.type   'polypeptide(L)'
_entity_poly.pdbx_seq_one_letter_code
;SMSYTWTGALITPCAAEESKLPINALSNSLLRHHNMVYATTSRSAGLRQKKVTFDRLQVLDDHYRDVLKEMKAKASTVKA
KLLSVEEACKLTPPHSAKSKFGYGAKDVRNLSSKAVNHIHSVWKDLLEDTVTPIDTTIMAKNEVFCVQPEKGGRKPARLI
VFPDLGVRVCEKMALYDVVSTLPQVVMGSSYGFQYSPGQRVEFLVNTWKSKKNPMGFSYDTRCFDSTVTENDIRVEESIY
QCCDLAPEARQAIKSLTERLYIGGPLTNSKGQNCGYRRCRASGVLTTSCGNTLTCYLKASAACRAAKLQDCTMLVNGDDL
VVICESAGTQEDAASLRVFTEAMTRYSAPPGDPPQPEYDLELITSCSSNVSVAHDASGKRVYYLTRDPTTPLARAAWETA
RHTPVNSWLGNIIMYAPTLWARMILMTHFFSILLAQEQLEKALDCQIYGACYSIEPLDLPQIIERLHGLSAFSLHSYSPG
EINRVASCLRKLGVPPLRVWRHRARSVRARLLSQGGRAATCGKYLFNWAVKTKLKLTPIPAASQLDLSGWFVAGYSGGDI
YHSLSRARPRLEHHHHHH
;
_entity_poly.pdbx_strand_id   A,B
#
loop_
_chem_comp.id
_chem_comp.type
_chem_comp.name
_chem_comp.formula
YAK non-polymer N-{3-[(4aR,7aS)-1-(4-fluorobenzyl)-4-hydroxy-2-oxo-2,4a,5,6,7,7a-hexahydro-1H-cyclopenta[b]pyridin-3-yl]-1,1-dioxido-2H-1,2,4-benzothiadiazin-7-yl}methanesulfonamide 'C23 H23 F N4 O6 S2'
#
# COMPACT_ATOMS: atom_id res chain seq x y z
N SER A 1 -12.03 36.79 -16.79
CA SER A 1 -12.88 36.69 -18.00
C SER A 1 -14.14 35.92 -17.65
N MET A 2 -15.11 35.99 -18.57
CA MET A 2 -16.39 35.32 -18.43
C MET A 2 -16.22 33.83 -18.67
N SER A 3 -16.77 33.02 -17.75
CA SER A 3 -16.84 31.56 -17.92
C SER A 3 -17.40 31.15 -19.28
N TYR A 4 -18.42 31.89 -19.75
CA TYR A 4 -19.08 31.66 -21.02
C TYR A 4 -19.55 32.96 -21.65
N THR A 5 -19.63 32.93 -22.97
CA THR A 5 -20.32 33.96 -23.75
C THR A 5 -21.41 33.24 -24.54
N TRP A 6 -22.62 33.82 -24.61
CA TRP A 6 -23.74 33.16 -25.29
C TRP A 6 -24.25 33.95 -26.47
N THR A 7 -24.59 33.25 -27.56
CA THR A 7 -25.12 33.88 -28.78
C THR A 7 -26.62 34.13 -28.70
N GLY A 8 -27.32 33.32 -27.91
CA GLY A 8 -28.77 33.35 -27.92
C GLY A 8 -29.39 32.08 -28.48
N ALA A 9 -28.64 31.36 -29.31
CA ALA A 9 -29.06 30.05 -29.81
C ALA A 9 -29.29 29.08 -28.64
N LEU A 10 -30.38 28.32 -28.73
CA LEU A 10 -30.77 27.42 -27.64
C LEU A 10 -29.94 26.15 -27.61
N ILE A 11 -29.74 25.63 -26.41
CA ILE A 11 -29.18 24.29 -26.25
C ILE A 11 -30.30 23.30 -26.56
N THR A 12 -30.05 22.42 -27.53
CA THR A 12 -31.10 21.60 -28.11
C THR A 12 -30.89 20.11 -27.82
N PRO A 13 -31.99 19.33 -27.78
CA PRO A 13 -31.93 17.89 -27.57
C PRO A 13 -31.70 17.11 -28.87
N CYS A 14 -31.39 15.82 -28.76
CA CYS A 14 -31.33 14.94 -29.92
C CYS A 14 -32.67 14.24 -30.13
N ALA A 15 -33.19 13.67 -29.05
CA ALA A 15 -34.47 12.98 -29.03
C ALA A 15 -35.49 13.75 -28.19
N ALA A 16 -36.73 13.26 -28.17
CA ALA A 16 -37.76 13.81 -27.27
C ALA A 16 -37.31 13.57 -25.85
N GLU A 17 -37.69 14.46 -24.94
CA GLU A 17 -37.26 14.34 -23.55
C GLU A 17 -38.47 14.22 -22.65
N GLU A 18 -38.54 13.08 -21.94
CA GLU A 18 -39.58 12.84 -20.96
C GLU A 18 -39.13 13.50 -19.67
N SER A 19 -40.04 14.23 -19.01
CA SER A 19 -39.75 14.75 -17.67
C SER A 19 -40.56 14.02 -16.59
N LYS A 20 -41.79 13.64 -16.90
CA LYS A 20 -42.64 12.90 -15.96
C LYS A 20 -42.15 11.46 -15.80
N LEU A 21 -42.21 10.95 -14.57
CA LEU A 21 -41.81 9.57 -14.29
C LEU A 21 -42.67 8.60 -15.10
N PRO A 22 -42.04 7.77 -15.95
CA PRO A 22 -42.76 6.75 -16.72
C PRO A 22 -43.25 5.64 -15.79
N ILE A 23 -44.46 5.14 -16.04
CA ILE A 23 -45.13 4.20 -15.17
C ILE A 23 -45.46 2.90 -15.88
N ASN A 24 -45.17 1.78 -15.25
CA ASN A 24 -45.55 0.48 -15.79
C ASN A 24 -46.14 -0.39 -14.68
N ALA A 25 -46.32 -1.68 -14.94
CA ALA A 25 -46.94 -2.56 -13.96
C ALA A 25 -46.09 -2.79 -12.69
N LEU A 26 -44.84 -2.35 -12.71
CA LEU A 26 -43.93 -2.58 -11.58
C LEU A 26 -43.73 -1.36 -10.67
N SER A 27 -44.06 -0.17 -11.18
CA SER A 27 -43.82 1.11 -10.49
C SER A 27 -44.37 1.19 -9.07
N ASN A 28 -45.63 0.81 -8.90
CA ASN A 28 -46.29 0.91 -7.59
C ASN A 28 -45.70 -0.02 -6.52
N SER A 29 -45.09 -1.12 -6.94
CA SER A 29 -44.43 -1.98 -5.97
C SER A 29 -43.25 -1.26 -5.31
N LEU A 30 -42.62 -0.36 -6.04
CA LEU A 30 -41.54 0.45 -5.48
C LEU A 30 -41.98 1.76 -4.82
N LEU A 31 -42.89 2.49 -5.46
CA LEU A 31 -43.10 3.92 -5.13
C LEU A 31 -44.48 4.40 -5.58
N ARG A 32 -45.22 4.99 -4.64
CA ARG A 32 -46.57 5.50 -4.93
C ARG A 32 -46.59 6.94 -5.42
N HIS A 33 -45.69 7.79 -4.91
CA HIS A 33 -45.80 9.23 -5.18
C HIS A 33 -45.06 9.65 -6.44
N HIS A 34 -45.57 9.19 -7.57
CA HIS A 34 -44.95 9.37 -8.87
C HIS A 34 -44.64 10.82 -9.22
N ASN A 35 -45.53 11.73 -8.80
CA ASN A 35 -45.37 13.15 -9.15
C ASN A 35 -44.21 13.84 -8.40
N MET A 36 -43.61 13.14 -7.43
CA MET A 36 -42.41 13.59 -6.72
C MET A 36 -41.15 13.41 -7.57
N VAL A 37 -41.20 12.48 -8.52
CA VAL A 37 -40.06 12.13 -9.36
C VAL A 37 -40.13 12.84 -10.72
N TYR A 38 -39.01 13.43 -11.13
CA TYR A 38 -38.89 14.13 -12.42
C TYR A 38 -37.51 13.96 -13.03
N ALA A 39 -37.42 14.11 -14.35
CA ALA A 39 -36.12 14.22 -15.02
C ALA A 39 -35.93 15.62 -15.59
N THR A 40 -34.70 16.13 -15.49
CA THR A 40 -34.31 17.38 -16.14
C THR A 40 -34.30 17.21 -17.66
N THR A 41 -34.59 18.30 -18.37
CA THR A 41 -34.52 18.32 -19.84
C THR A 41 -33.81 19.58 -20.33
N SER A 42 -33.47 19.59 -21.62
CA SER A 42 -32.86 20.77 -22.24
C SER A 42 -33.67 22.04 -22.07
N ARG A 43 -34.98 21.92 -21.85
CA ARG A 43 -35.88 23.07 -21.73
C ARG A 43 -35.60 23.96 -20.51
N SER A 44 -34.84 23.45 -19.53
CA SER A 44 -34.43 24.25 -18.39
C SER A 44 -32.96 24.68 -18.47
N ALA A 45 -32.31 24.47 -19.62
CA ALA A 45 -30.89 24.77 -19.77
C ALA A 45 -30.58 26.26 -19.65
N GLY A 46 -31.53 27.10 -20.07
CA GLY A 46 -31.39 28.54 -19.93
C GLY A 46 -31.19 28.94 -18.48
N LEU A 47 -31.89 28.25 -17.57
CA LEU A 47 -31.76 28.51 -16.14
C LEU A 47 -30.36 28.15 -15.66
N ARG A 48 -29.79 27.07 -16.21
CA ARG A 48 -28.43 26.65 -15.84
C ARG A 48 -27.39 27.60 -16.45
N GLN A 49 -27.60 27.99 -17.69
CA GLN A 49 -26.75 28.99 -18.36
C GLN A 49 -26.56 30.21 -17.48
N LYS A 50 -27.67 30.76 -16.96
CA LYS A 50 -27.60 31.88 -16.03
C LYS A 50 -26.64 31.66 -14.85
N LYS A 51 -26.75 30.50 -14.20
CA LYS A 51 -25.96 30.16 -13.00
C LYS A 51 -24.47 29.97 -13.22
N VAL A 52 -24.10 29.32 -14.33
CA VAL A 52 -22.71 28.96 -14.60
C VAL A 52 -21.91 30.08 -15.28
N THR A 53 -22.58 31.18 -15.63
CA THR A 53 -21.97 32.28 -16.39
C THR A 53 -21.60 33.43 -15.47
N PHE A 54 -20.31 33.60 -15.23
CA PHE A 54 -19.79 34.70 -14.42
C PHE A 54 -18.34 35.02 -14.72
N ASP A 55 -17.91 36.18 -14.22
CA ASP A 55 -16.52 36.59 -14.35
C ASP A 55 -15.69 35.91 -13.26
N ARG A 56 -14.46 35.54 -13.60
CA ARG A 56 -13.53 34.97 -12.62
C ARG A 56 -12.35 35.92 -12.43
N LEU A 57 -12.05 36.20 -11.17
CA LEU A 57 -10.84 36.89 -10.76
C LEU A 57 -10.01 35.91 -9.95
N GLN A 58 -8.70 36.06 -10.02
CA GLN A 58 -7.81 35.13 -9.38
C GLN A 58 -6.57 35.88 -8.91
N VAL A 59 -6.26 35.72 -7.63
CA VAL A 59 -5.13 36.38 -6.99
C VAL A 59 -4.30 35.28 -6.35
N LEU A 60 -3.13 35.04 -6.91
CA LEU A 60 -2.29 33.91 -6.55
C LEU A 60 -1.06 34.32 -5.76
N ASP A 61 -0.90 33.67 -4.61
CA ASP A 61 0.09 34.07 -3.59
C ASP A 61 1.20 33.02 -3.45
N ASP A 62 2.10 33.24 -2.50
CA ASP A 62 3.17 32.30 -2.23
C ASP A 62 2.74 30.86 -1.86
N HIS A 63 1.75 30.72 -0.97
CA HIS A 63 1.19 29.39 -0.67
C HIS A 63 0.78 28.65 -1.95
N TYR A 64 0.11 29.35 -2.88
CA TYR A 64 -0.33 28.75 -4.12
C TYR A 64 0.88 28.21 -4.88
N ARG A 65 1.87 29.07 -5.11
CA ARG A 65 3.07 28.68 -5.89
C ARG A 65 3.93 27.62 -5.19
N ASP A 66 3.97 27.68 -3.85
CA ASP A 66 4.70 26.68 -3.04
C ASP A 66 4.15 25.28 -3.22
N VAL A 67 2.83 25.14 -3.09
CA VAL A 67 2.16 23.85 -3.26
C VAL A 67 2.33 23.36 -4.70
N LEU A 68 2.17 24.26 -5.67
CA LEU A 68 2.39 23.93 -7.07
C LEU A 68 3.79 23.36 -7.32
N LYS A 69 4.81 23.99 -6.73
CA LYS A 69 6.18 23.50 -6.80
C LYS A 69 6.33 22.05 -6.30
N GLU A 70 5.78 21.76 -5.12
CA GLU A 70 5.74 20.41 -4.58
C GLU A 70 5.06 19.41 -5.52
N MET A 71 3.91 19.79 -6.07
CA MET A 71 3.14 18.92 -6.98
C MET A 71 3.93 18.55 -8.24
N LYS A 72 4.63 19.54 -8.79
CA LYS A 72 5.44 19.35 -9.99
C LYS A 72 6.65 18.47 -9.72
N ALA A 73 7.24 18.62 -8.54
CA ALA A 73 8.35 17.74 -8.13
C ALA A 73 7.88 16.27 -8.10
N LYS A 74 6.69 16.04 -7.55
CA LYS A 74 6.10 14.70 -7.57
C LYS A 74 5.73 14.25 -8.99
N ALA A 75 5.11 15.15 -9.75
CA ALA A 75 4.77 14.83 -11.16
C ALA A 75 6.01 14.40 -11.97
N SER A 76 7.18 14.97 -11.65
CA SER A 76 8.40 14.71 -12.42
CA SER A 76 8.41 14.71 -12.41
C SER A 76 8.88 13.27 -12.32
N THR A 77 8.40 12.55 -11.30
CA THR A 77 8.73 11.13 -11.12
C THR A 77 7.86 10.18 -11.97
N VAL A 78 6.82 10.71 -12.62
CA VAL A 78 5.84 9.90 -13.37
C VAL A 78 6.32 9.67 -14.81
N LYS A 79 6.40 8.41 -15.22
CA LYS A 79 6.62 8.07 -16.63
C LYS A 79 5.34 7.53 -17.21
N ALA A 80 4.85 8.18 -18.27
CA ALA A 80 3.59 7.80 -18.88
C ALA A 80 3.77 7.42 -20.33
N LYS A 81 2.92 6.51 -20.81
CA LYS A 81 3.04 5.98 -22.16
C LYS A 81 1.95 6.50 -23.10
N LEU A 82 2.29 6.56 -24.38
CA LEU A 82 1.35 6.82 -25.44
C LEU A 82 0.58 5.52 -25.73
N LEU A 83 -0.75 5.62 -25.83
CA LEU A 83 -1.58 4.50 -26.25
C LEU A 83 -1.64 4.45 -27.77
N SER A 84 -1.68 3.24 -28.32
CA SER A 84 -1.91 3.05 -29.76
C SER A 84 -3.36 3.40 -30.05
N VAL A 85 -3.66 3.76 -31.31
CA VAL A 85 -5.05 4.00 -31.74
C VAL A 85 -5.96 2.87 -31.27
N GLU A 86 -5.59 1.64 -31.59
CA GLU A 86 -6.37 0.45 -31.26
C GLU A 86 -6.61 0.30 -29.76
N GLU A 87 -5.56 0.58 -28.97
CA GLU A 87 -5.66 0.57 -27.51
C GLU A 87 -6.70 1.58 -27.05
N ALA A 88 -6.65 2.80 -27.60
CA ALA A 88 -7.57 3.89 -27.27
C ALA A 88 -9.00 3.60 -27.73
N CYS A 89 -9.15 2.99 -28.90
CA CYS A 89 -10.43 2.54 -29.43
C CYS A 89 -11.15 1.57 -28.51
N LYS A 90 -10.39 0.67 -27.90
CA LYS A 90 -10.96 -0.36 -27.03
C LYS A 90 -11.45 0.21 -25.71
N LEU A 91 -11.04 1.45 -25.41
CA LEU A 91 -11.51 2.18 -24.22
C LEU A 91 -12.80 2.97 -24.46
N THR A 92 -13.32 2.93 -25.69
CA THR A 92 -14.52 3.68 -26.04
C THR A 92 -15.79 2.91 -25.65
N PRO A 93 -16.70 3.56 -24.90
CA PRO A 93 -18.00 2.95 -24.63
C PRO A 93 -18.75 2.61 -25.91
N PRO A 94 -19.42 1.45 -25.94
CA PRO A 94 -20.28 1.07 -27.08
C PRO A 94 -21.36 2.11 -27.38
N HIS A 95 -21.79 2.85 -26.37
CA HIS A 95 -22.88 3.81 -26.51
C HIS A 95 -22.43 5.26 -26.75
N SER A 96 -21.12 5.50 -26.76
CA SER A 96 -20.56 6.85 -26.90
C SER A 96 -21.12 7.56 -28.14
N ALA A 97 -21.23 8.88 -28.08
CA ALA A 97 -21.79 9.68 -29.19
C ALA A 97 -20.99 9.55 -30.49
N LYS A 98 -21.70 9.34 -31.61
CA LYS A 98 -21.05 9.16 -32.92
C LYS A 98 -20.32 10.40 -33.40
N SER A 99 -19.38 10.17 -34.31
CA SER A 99 -18.62 11.26 -34.94
C SER A 99 -19.46 12.04 -35.94
N LYS A 100 -19.14 13.33 -36.08
CA LYS A 100 -19.59 14.17 -37.18
C LYS A 100 -19.00 13.70 -38.51
N PHE A 101 -18.01 12.80 -38.44
CA PHE A 101 -17.21 12.45 -39.61
C PHE A 101 -17.44 11.02 -40.12
N GLY A 102 -18.68 10.53 -39.98
CA GLY A 102 -19.14 9.34 -40.69
C GLY A 102 -19.03 7.97 -40.05
N TYR A 103 -18.65 7.92 -38.79
CA TYR A 103 -18.54 6.65 -38.06
C TYR A 103 -19.03 6.84 -36.62
N GLY A 104 -19.21 5.73 -35.90
CA GLY A 104 -19.71 5.77 -34.53
C GLY A 104 -18.88 4.95 -33.58
N ALA A 105 -19.31 4.90 -32.32
CA ALA A 105 -18.60 4.18 -31.25
C ALA A 105 -18.32 2.69 -31.55
N LYS A 106 -19.27 2.02 -32.19
CA LYS A 106 -19.11 0.60 -32.54
C LYS A 106 -18.11 0.38 -33.68
N ASP A 107 -18.03 1.34 -34.60
CA ASP A 107 -16.99 1.34 -35.64
C ASP A 107 -15.62 1.54 -35.02
N VAL A 108 -15.56 2.39 -34.00
CA VAL A 108 -14.34 2.58 -33.22
C VAL A 108 -13.98 1.28 -32.47
N ARG A 109 -14.95 0.72 -31.74
CA ARG A 109 -14.70 -0.46 -30.92
C ARG A 109 -14.21 -1.65 -31.74
N ASN A 110 -14.86 -1.91 -32.87
CA ASN A 110 -14.36 -2.99 -33.75
C ASN A 110 -13.39 -2.53 -34.84
N LEU A 111 -12.79 -1.35 -34.61
CA LEU A 111 -11.60 -0.89 -35.33
C LEU A 111 -11.77 -0.75 -36.84
N SER A 112 -12.89 -0.19 -37.29
CA SER A 112 -13.12 -0.01 -38.72
C SER A 112 -12.03 0.88 -39.30
N SER A 113 -11.64 0.62 -40.55
CA SER A 113 -10.57 1.41 -41.16
C SER A 113 -10.97 2.87 -41.28
N LYS A 114 -12.25 3.12 -41.58
CA LYS A 114 -12.77 4.48 -41.65
C LYS A 114 -12.56 5.28 -40.35
N ALA A 115 -12.83 4.63 -39.21
CA ALA A 115 -12.68 5.24 -37.89
C ALA A 115 -11.21 5.52 -37.61
N VAL A 116 -10.39 4.49 -37.78
CA VAL A 116 -8.96 4.52 -37.54
C VAL A 116 -8.27 5.56 -38.43
N ASN A 117 -8.63 5.59 -39.71
CA ASN A 117 -8.13 6.61 -40.64
C ASN A 117 -8.38 8.02 -40.12
N HIS A 118 -9.63 8.29 -39.75
CA HIS A 118 -9.98 9.63 -39.27
C HIS A 118 -9.23 9.99 -37.98
N ILE A 119 -9.16 9.05 -37.04
CA ILE A 119 -8.41 9.23 -35.78
C ILE A 119 -6.93 9.60 -36.03
N HIS A 120 -6.27 8.89 -36.94
CA HIS A 120 -4.90 9.24 -37.34
C HIS A 120 -4.81 10.65 -37.92
N SER A 121 -5.81 11.06 -38.69
CA SER A 121 -5.81 12.38 -39.29
C SER A 121 -6.00 13.45 -38.21
N VAL A 122 -6.82 13.11 -37.20
CA VAL A 122 -7.03 14.02 -36.06
C VAL A 122 -5.71 14.17 -35.28
N TRP A 123 -5.09 13.05 -34.93
CA TRP A 123 -3.80 13.05 -34.22
C TRP A 123 -2.75 13.86 -34.99
N LYS A 124 -2.65 13.62 -36.30
CA LYS A 124 -1.70 14.36 -37.15
C LYS A 124 -1.93 15.86 -37.05
N ASP A 125 -3.20 16.27 -37.15
CA ASP A 125 -3.58 17.68 -37.08
C ASP A 125 -3.23 18.27 -35.70
N LEU A 126 -3.30 17.45 -34.65
CA LEU A 126 -2.86 17.88 -33.31
C LEU A 126 -1.36 18.13 -33.21
N LEU A 127 -0.56 17.32 -33.90
CA LEU A 127 0.87 17.53 -33.84
C LEU A 127 1.29 18.77 -34.63
N GLU A 128 0.53 19.10 -35.67
CA GLU A 128 0.91 20.15 -36.61
C GLU A 128 0.34 21.52 -36.25
N ASP A 129 -0.79 21.53 -35.55
CA ASP A 129 -1.51 22.75 -35.25
C ASP A 129 -1.76 22.79 -33.73
N THR A 130 -1.20 23.81 -33.07
CA THR A 130 -1.34 23.96 -31.62
C THR A 130 -2.14 25.21 -31.26
N VAL A 131 -2.96 25.68 -32.18
CA VAL A 131 -3.62 26.97 -32.03
C VAL A 131 -5.12 27.01 -32.39
N THR A 132 -5.53 26.25 -33.40
CA THR A 132 -6.91 26.36 -33.88
C THR A 132 -7.92 25.73 -32.92
N PRO A 133 -8.83 26.55 -32.35
CA PRO A 133 -9.83 26.02 -31.42
C PRO A 133 -10.61 24.85 -32.00
N ILE A 134 -10.81 23.84 -31.17
CA ILE A 134 -11.48 22.62 -31.56
C ILE A 134 -12.94 22.75 -31.19
N ASP A 135 -13.81 22.37 -32.12
CA ASP A 135 -15.26 22.43 -31.90
C ASP A 135 -15.70 21.51 -30.77
N THR A 136 -16.67 21.98 -29.99
CA THR A 136 -17.34 21.14 -29.01
C THR A 136 -18.86 21.18 -29.19
N THR A 137 -19.53 20.17 -28.65
CA THR A 137 -20.99 20.15 -28.54
C THR A 137 -21.38 20.43 -27.08
N ILE A 138 -22.39 21.25 -26.91
CA ILE A 138 -23.01 21.46 -25.61
C ILE A 138 -24.39 20.79 -25.61
N MET A 139 -24.61 19.91 -24.64
CA MET A 139 -25.90 19.24 -24.46
C MET A 139 -26.38 19.46 -23.05
N ALA A 140 -27.67 19.26 -22.85
CA ALA A 140 -28.26 19.27 -21.52
C ALA A 140 -28.37 17.84 -21.02
N LYS A 141 -27.95 17.60 -19.78
CA LYS A 141 -28.09 16.29 -19.15
C LYS A 141 -29.51 15.96 -18.73
N ASN A 142 -29.92 14.73 -18.99
CA ASN A 142 -31.19 14.22 -18.50
C ASN A 142 -30.91 13.37 -17.27
N GLU A 143 -31.23 13.90 -16.10
CA GLU A 143 -30.99 13.23 -14.83
C GLU A 143 -32.23 13.29 -13.97
N VAL A 144 -32.37 12.31 -13.07
CA VAL A 144 -33.61 12.10 -12.34
C VAL A 144 -33.48 12.50 -10.87
N PHE A 145 -34.47 13.24 -10.37
CA PHE A 145 -34.48 13.67 -8.98
C PHE A 145 -35.86 13.59 -8.37
N CYS A 146 -35.89 13.71 -7.05
CA CYS A 146 -37.12 13.95 -6.32
C CYS A 146 -37.29 15.47 -6.11
N VAL A 147 -38.54 15.94 -6.15
CA VAL A 147 -38.82 17.37 -5.92
C VAL A 147 -38.52 17.77 -4.46
N GLN A 148 -38.12 19.02 -4.27
CA GLN A 148 -37.90 19.56 -2.91
C GLN A 148 -39.18 20.13 -2.31
N ARG A 154 -37.30 22.65 -8.42
CA ARG A 154 -36.65 21.70 -9.33
C ARG A 154 -35.27 22.19 -9.72
N LYS A 155 -34.33 21.24 -9.88
CA LYS A 155 -33.00 21.58 -10.37
C LYS A 155 -33.07 21.75 -11.87
N PRO A 156 -32.43 22.80 -12.42
CA PRO A 156 -32.31 22.85 -13.87
C PRO A 156 -31.29 21.81 -14.35
N ALA A 157 -31.38 21.44 -15.64
CA ALA A 157 -30.46 20.46 -16.22
C ALA A 157 -29.03 20.95 -16.11
N ARG A 158 -28.13 20.04 -15.76
CA ARG A 158 -26.71 20.32 -15.82
C ARG A 158 -26.28 20.23 -17.29
N LEU A 159 -25.18 20.89 -17.63
CA LEU A 159 -24.70 20.87 -19.02
C LEU A 159 -23.47 19.98 -19.20
N ILE A 160 -23.29 19.50 -20.43
CA ILE A 160 -22.13 18.70 -20.82
C ILE A 160 -21.54 19.25 -22.13
N VAL A 161 -20.23 19.43 -22.13
CA VAL A 161 -19.50 19.96 -23.27
C VAL A 161 -18.43 18.95 -23.64
N PHE A 162 -18.42 18.51 -24.90
CA PHE A 162 -17.53 17.43 -25.33
C PHE A 162 -17.10 17.59 -26.79
N PRO A 163 -15.85 17.22 -27.11
CA PRO A 163 -15.40 17.30 -28.50
C PRO A 163 -15.82 16.07 -29.29
N ASP A 164 -15.59 16.10 -30.60
CA ASP A 164 -15.97 14.97 -31.46
C ASP A 164 -15.29 13.67 -31.03
N LEU A 165 -15.96 12.56 -31.31
CA LEU A 165 -15.41 11.21 -31.05
C LEU A 165 -13.94 11.05 -31.45
N GLY A 166 -13.58 11.55 -32.63
CA GLY A 166 -12.20 11.40 -33.13
C GLY A 166 -11.18 12.05 -32.21
N VAL A 167 -11.51 13.27 -31.77
CA VAL A 167 -10.76 13.96 -30.72
C VAL A 167 -10.69 13.14 -29.44
N ARG A 168 -11.82 12.52 -29.03
CA ARG A 168 -11.87 11.78 -27.75
C ARG A 168 -10.92 10.57 -27.72
N VAL A 169 -10.83 9.86 -28.84
CA VAL A 169 -9.84 8.77 -28.95
C VAL A 169 -8.41 9.34 -28.87
N CYS A 170 -8.16 10.47 -29.51
CA CYS A 170 -6.86 11.12 -29.42
C CYS A 170 -6.49 11.52 -27.98
N GLU A 171 -7.43 12.07 -27.22
CA GLU A 171 -7.17 12.35 -25.82
C GLU A 171 -6.67 11.09 -25.11
N LYS A 172 -7.41 10.00 -25.23
CA LYS A 172 -6.95 8.71 -24.67
C LYS A 172 -5.50 8.43 -25.07
N MET A 173 -5.18 8.58 -26.36
CA MET A 173 -3.84 8.24 -26.82
C MET A 173 -2.79 9.02 -26.02
N ALA A 174 -3.00 10.34 -25.95
CA ALA A 174 -2.07 11.25 -25.30
C ALA A 174 -2.09 11.20 -23.78
N LEU A 175 -3.26 11.00 -23.19
CA LEU A 175 -3.45 11.30 -21.77
C LEU A 175 -4.06 10.23 -20.87
N TYR A 176 -4.50 9.11 -21.44
CA TYR A 176 -5.13 8.08 -20.60
C TYR A 176 -4.19 7.59 -19.49
N ASP A 177 -2.93 7.35 -19.83
CA ASP A 177 -1.96 6.92 -18.84
C ASP A 177 -1.65 8.03 -17.83
N VAL A 178 -1.48 9.26 -18.31
CA VAL A 178 -1.23 10.39 -17.41
C VAL A 178 -2.35 10.49 -16.36
N VAL A 179 -3.59 10.61 -16.82
CA VAL A 179 -4.71 10.88 -15.91
C VAL A 179 -5.03 9.69 -14.98
N SER A 180 -4.53 8.51 -15.35
CA SER A 180 -4.73 7.26 -14.57
C SER A 180 -3.69 7.11 -13.45
N THR A 181 -2.51 7.67 -13.65
CA THR A 181 -1.39 7.36 -12.79
C THR A 181 -0.88 8.58 -12.02
N LEU A 182 -0.91 9.75 -12.65
CA LEU A 182 -0.34 10.97 -12.08
C LEU A 182 -1.01 11.41 -10.75
N PRO A 183 -2.35 11.38 -10.68
CA PRO A 183 -3.01 11.91 -9.48
C PRO A 183 -2.55 11.29 -8.17
N GLN A 184 -2.45 9.96 -8.10
CA GLN A 184 -2.04 9.32 -6.85
C GLN A 184 -0.60 9.65 -6.48
N VAL A 185 0.26 9.79 -7.49
CA VAL A 185 1.66 10.12 -7.25
C VAL A 185 1.80 11.52 -6.69
N VAL A 186 1.07 12.47 -7.28
CA VAL A 186 1.13 13.86 -6.88
C VAL A 186 0.42 14.07 -5.53
N MET A 187 -0.73 13.41 -5.33
CA MET A 187 -1.59 13.71 -4.18
C MET A 187 -1.61 12.67 -3.07
N GLY A 188 -0.99 11.50 -3.35
CA GLY A 188 -0.84 10.43 -2.35
C GLY A 188 -2.16 9.99 -1.76
N SER A 189 -2.16 9.72 -0.45
CA SER A 189 -3.37 9.28 0.26
C SER A 189 -4.59 10.23 0.10
N SER A 190 -4.33 11.48 -0.27
CA SER A 190 -5.42 12.47 -0.50
C SER A 190 -6.25 12.21 -1.76
N TYR A 191 -5.76 11.36 -2.66
CA TYR A 191 -6.48 11.06 -3.89
C TYR A 191 -7.60 10.03 -3.63
N GLY A 192 -8.86 10.47 -3.70
CA GLY A 192 -10.02 9.66 -3.31
C GLY A 192 -10.36 8.49 -4.23
N PHE A 193 -10.08 8.65 -5.53
CA PHE A 193 -10.51 7.66 -6.52
C PHE A 193 -9.68 6.37 -6.49
N GLN A 194 -8.68 6.33 -5.60
CA GLN A 194 -7.86 5.12 -5.44
C GLN A 194 -8.52 4.12 -4.50
N TYR A 195 -9.57 4.56 -3.81
CA TYR A 195 -10.19 3.77 -2.75
C TYR A 195 -11.48 3.04 -3.15
N SER A 196 -11.61 1.79 -2.72
CA SER A 196 -12.92 1.13 -2.73
C SER A 196 -13.75 1.74 -1.60
N PRO A 197 -15.06 1.45 -1.54
CA PRO A 197 -15.83 1.96 -0.39
C PRO A 197 -15.23 1.56 0.96
N GLY A 198 -14.82 0.30 1.11
CA GLY A 198 -14.20 -0.18 2.34
C GLY A 198 -12.93 0.58 2.68
N GLN A 199 -12.08 0.82 1.67
CA GLN A 199 -10.82 1.54 1.86
C GLN A 199 -11.04 3.01 2.20
N ARG A 200 -12.03 3.62 1.55
CA ARG A 200 -12.35 5.02 1.77
C ARG A 200 -12.86 5.25 3.20
N VAL A 201 -13.76 4.38 3.65
CA VAL A 201 -14.35 4.52 4.99
C VAL A 201 -13.28 4.27 6.07
N GLU A 202 -12.36 3.35 5.76
CA GLU A 202 -11.21 3.06 6.59
C GLU A 202 -10.31 4.28 6.68
N PHE A 203 -10.03 4.91 5.54
CA PHE A 203 -9.21 6.12 5.52
C PHE A 203 -9.87 7.26 6.29
N LEU A 204 -11.18 7.43 6.12
CA LEU A 204 -11.91 8.49 6.84
C LEU A 204 -11.88 8.26 8.35
N VAL A 205 -12.10 7.00 8.74
CA VAL A 205 -12.15 6.64 10.16
C VAL A 205 -10.77 6.71 10.83
N ASN A 206 -9.75 6.18 10.17
CA ASN A 206 -8.38 6.30 10.67
C ASN A 206 -7.87 7.73 10.78
N THR A 207 -8.23 8.56 9.79
CA THR A 207 -7.89 9.98 9.80
C THR A 207 -8.59 10.69 10.96
N TRP A 208 -9.87 10.41 11.17
CA TRP A 208 -10.64 11.01 12.25
C TRP A 208 -10.01 10.65 13.60
N LYS A 209 -9.65 9.38 13.75
CA LYS A 209 -9.07 8.85 14.98
C LYS A 209 -7.64 9.30 15.22
N SER A 210 -6.97 9.81 14.19
CA SER A 210 -5.58 10.27 14.29
C SER A 210 -5.48 11.68 14.89
N LYS A 211 -6.63 12.36 15.05
CA LYS A 211 -6.66 13.72 15.60
C LYS A 211 -7.03 13.64 17.07
N LYS A 212 -6.39 14.49 17.88
CA LYS A 212 -6.64 14.54 19.33
C LYS A 212 -8.04 15.07 19.57
N ASN A 213 -8.37 16.15 18.88
CA ASN A 213 -9.70 16.72 18.92
C ASN A 213 -10.17 16.99 17.48
N PRO A 214 -10.73 15.96 16.81
CA PRO A 214 -11.03 16.06 15.38
C PRO A 214 -12.12 17.09 15.06
N MET A 215 -11.91 17.81 13.96
CA MET A 215 -12.92 18.66 13.37
C MET A 215 -12.82 18.41 11.88
N GLY A 216 -13.96 18.39 11.19
CA GLY A 216 -13.97 18.18 9.76
C GLY A 216 -14.96 19.07 9.03
N PHE A 217 -14.74 19.26 7.74
CA PHE A 217 -15.69 19.98 6.90
C PHE A 217 -15.59 19.57 5.44
N SER A 218 -16.75 19.57 4.78
CA SER A 218 -16.82 19.50 3.33
C SER A 218 -16.80 20.91 2.77
N TYR A 219 -16.17 21.09 1.62
CA TYR A 219 -16.17 22.40 0.95
C TYR A 219 -16.85 22.29 -0.40
N ASP A 220 -18.03 22.90 -0.50
CA ASP A 220 -18.81 22.90 -1.72
C ASP A 220 -18.50 24.14 -2.57
N THR A 221 -17.67 23.98 -3.62
CA THR A 221 -17.40 25.10 -4.53
C THR A 221 -18.65 25.32 -5.38
N ARG A 222 -19.05 26.58 -5.53
CA ARG A 222 -20.15 26.90 -6.44
C ARG A 222 -19.73 26.70 -7.91
N CYS A 223 -20.45 25.80 -8.60
CA CYS A 223 -20.17 25.43 -9.99
CA CYS A 223 -20.18 25.47 -10.01
C CYS A 223 -18.68 25.35 -10.27
N PHE A 224 -18.05 24.32 -9.74
CA PHE A 224 -16.61 24.17 -9.87
C PHE A 224 -16.08 24.37 -11.27
N ASP A 225 -16.66 23.71 -12.27
CA ASP A 225 -16.12 23.78 -13.64
C ASP A 225 -16.02 25.21 -14.13
N SER A 226 -17.03 26.02 -13.81
CA SER A 226 -17.07 27.43 -14.23
C SER A 226 -16.02 28.26 -13.53
N THR A 227 -15.60 27.84 -12.35
CA THR A 227 -14.58 28.57 -11.60
C THR A 227 -13.18 28.35 -12.15
N VAL A 228 -13.03 27.26 -12.92
CA VAL A 228 -11.74 26.91 -13.48
C VAL A 228 -11.35 27.88 -14.58
N THR A 229 -10.19 28.52 -14.42
CA THR A 229 -9.75 29.61 -15.32
C THR A 229 -8.74 29.06 -16.33
N GLU A 230 -8.35 29.90 -17.30
CA GLU A 230 -7.27 29.56 -18.23
C GLU A 230 -5.95 29.32 -17.50
N ASN A 231 -5.66 30.16 -16.51
CA ASN A 231 -4.51 29.95 -15.65
C ASN A 231 -4.51 28.54 -15.08
N ASP A 232 -5.66 28.10 -14.56
CA ASP A 232 -5.76 26.78 -13.91
C ASP A 232 -5.43 25.66 -14.93
N ILE A 233 -5.90 25.83 -16.15
CA ILE A 233 -5.78 24.81 -17.19
C ILE A 233 -4.37 24.75 -17.73
N ARG A 234 -3.74 25.91 -17.89
CA ARG A 234 -2.31 25.97 -18.24
C ARG A 234 -1.47 25.41 -17.10
N VAL A 235 -1.84 25.73 -15.86
CA VAL A 235 -1.13 25.19 -14.71
C VAL A 235 -1.24 23.68 -14.68
N GLU A 236 -2.42 23.11 -14.92
CA GLU A 236 -2.57 21.66 -14.95
C GLU A 236 -1.74 21.05 -16.09
N GLU A 237 -1.70 21.69 -17.25
CA GLU A 237 -0.82 21.23 -18.36
C GLU A 237 0.67 21.21 -17.95
N SER A 238 1.08 22.21 -17.18
CA SER A 238 2.48 22.30 -16.74
C SER A 238 2.80 21.13 -15.82
N ILE A 239 1.79 20.62 -15.12
CA ILE A 239 1.96 19.46 -14.25
C ILE A 239 2.08 18.20 -15.11
N TYR A 240 1.22 18.06 -16.12
CA TYR A 240 1.30 16.93 -17.06
C TYR A 240 2.68 16.85 -17.72
N GLN A 241 3.17 18.01 -18.16
CA GLN A 241 4.44 18.15 -18.87
C GLN A 241 5.66 17.76 -18.03
N CYS A 242 5.51 17.74 -16.70
CA CYS A 242 6.57 17.25 -15.82
C CYS A 242 6.88 15.75 -16.00
N CYS A 243 5.90 14.98 -16.49
CA CYS A 243 6.06 13.53 -16.68
C CYS A 243 7.08 13.26 -17.75
N ASP A 244 7.68 12.07 -17.66
CA ASP A 244 8.52 11.52 -18.73
C ASP A 244 7.53 11.07 -19.82
N LEU A 245 7.53 11.75 -20.95
CA LEU A 245 6.59 11.49 -22.03
C LEU A 245 7.30 11.32 -23.37
N ALA A 246 6.70 10.54 -24.26
CA ALA A 246 7.09 10.49 -25.66
C ALA A 246 6.92 11.89 -26.24
N PRO A 247 7.83 12.32 -27.16
CA PRO A 247 7.73 13.62 -27.83
C PRO A 247 6.34 13.90 -28.45
N GLU A 248 5.73 12.91 -29.09
CA GLU A 248 4.38 13.07 -29.65
C GLU A 248 3.33 13.32 -28.58
N ALA A 249 3.44 12.63 -27.45
CA ALA A 249 2.55 12.87 -26.33
C ALA A 249 2.66 14.30 -25.82
N ARG A 250 3.89 14.84 -25.67
CA ARG A 250 4.09 16.24 -25.21
C ARG A 250 3.41 17.27 -26.11
N GLN A 251 3.55 17.06 -27.40
CA GLN A 251 3.01 17.97 -28.41
C GLN A 251 1.48 17.89 -28.42
N ALA A 252 0.94 16.68 -28.35
CA ALA A 252 -0.52 16.52 -28.40
C ALA A 252 -1.17 17.13 -27.14
N ILE A 253 -0.52 16.95 -26.00
CA ILE A 253 -0.97 17.53 -24.72
C ILE A 253 -0.98 19.07 -24.76
N LYS A 254 0.10 19.66 -25.25
CA LYS A 254 0.16 21.11 -25.48
C LYS A 254 -0.97 21.53 -26.41
N SER A 255 -1.08 20.82 -27.53
CA SER A 255 -2.12 21.11 -28.52
C SER A 255 -3.56 21.02 -27.96
N LEU A 256 -3.86 19.92 -27.28
CA LEU A 256 -5.21 19.72 -26.69
C LEU A 256 -5.48 20.81 -25.65
N THR A 257 -4.45 21.19 -24.89
CA THR A 257 -4.58 22.29 -23.92
C THR A 257 -4.97 23.62 -24.60
N GLU A 258 -4.18 24.06 -25.57
CA GLU A 258 -4.41 25.34 -26.25
C GLU A 258 -5.71 25.33 -27.06
N ARG A 259 -5.97 24.23 -27.74
CA ARG A 259 -7.09 24.17 -28.68
C ARG A 259 -8.41 23.67 -28.11
N LEU A 260 -8.37 22.93 -26.99
CA LEU A 260 -9.59 22.32 -26.44
C LEU A 260 -9.84 22.65 -24.96
N TYR A 261 -8.87 22.32 -24.10
CA TYR A 261 -9.10 22.35 -22.68
C TYR A 261 -9.32 23.77 -22.12
N ILE A 262 -8.50 24.71 -22.59
CA ILE A 262 -8.56 26.10 -22.17
C ILE A 262 -9.91 26.73 -22.52
N GLY A 263 -10.50 26.31 -23.63
CA GLY A 263 -11.74 26.90 -24.11
C GLY A 263 -12.01 26.64 -25.58
N GLY A 264 -13.12 27.19 -26.06
CA GLY A 264 -13.51 26.95 -27.43
C GLY A 264 -14.96 27.27 -27.73
N PRO A 265 -15.33 27.18 -29.02
CA PRO A 265 -16.70 27.46 -29.45
C PRO A 265 -17.62 26.31 -29.04
N LEU A 266 -18.86 26.66 -28.75
CA LEU A 266 -19.90 25.71 -28.35
C LEU A 266 -20.95 25.64 -29.42
N THR A 267 -21.30 24.41 -29.81
CA THR A 267 -22.27 24.17 -30.86
C THR A 267 -23.37 23.26 -30.33
N ASN A 268 -24.63 23.55 -30.66
CA ASN A 268 -25.73 22.66 -30.23
C ASN A 268 -25.88 21.45 -31.16
N SER A 269 -26.81 20.56 -30.85
CA SER A 269 -27.03 19.32 -31.61
C SER A 269 -27.47 19.59 -33.04
N LYS A 270 -28.02 20.79 -33.27
CA LYS A 270 -28.44 21.21 -34.61
C LYS A 270 -27.32 21.86 -35.42
N GLY A 271 -26.13 21.99 -34.83
CA GLY A 271 -24.99 22.58 -35.52
C GLY A 271 -24.95 24.10 -35.49
N GLN A 272 -25.75 24.71 -34.60
CA GLN A 272 -25.74 26.16 -34.45
C GLN A 272 -24.74 26.59 -33.40
N ASN A 273 -24.10 27.74 -33.61
CA ASN A 273 -23.15 28.29 -32.65
C ASN A 273 -23.91 28.87 -31.47
N CYS A 274 -23.60 28.36 -30.28
CA CYS A 274 -24.26 28.75 -29.03
C CYS A 274 -23.44 29.74 -28.21
N GLY A 275 -22.16 29.84 -28.53
CA GLY A 275 -21.25 30.77 -27.84
C GLY A 275 -19.84 30.24 -27.63
N TYR A 276 -19.22 30.65 -26.53
CA TYR A 276 -17.81 30.37 -26.28
C TYR A 276 -17.54 29.98 -24.84
N ARG A 277 -16.67 28.99 -24.64
CA ARG A 277 -16.31 28.51 -23.30
C ARG A 277 -14.91 28.97 -22.95
N ARG A 278 -14.73 29.51 -21.74
CA ARG A 278 -13.40 29.86 -21.16
C ARG A 278 -13.15 29.22 -19.79
N CYS A 279 -13.76 28.07 -19.59
CA CYS A 279 -13.68 27.31 -18.35
C CYS A 279 -13.58 25.83 -18.64
N ARG A 280 -13.55 25.03 -17.58
CA ARG A 280 -13.50 23.57 -17.71
C ARG A 280 -14.65 23.03 -18.55
N ALA A 281 -14.32 22.24 -19.57
CA ALA A 281 -15.33 21.44 -20.27
C ALA A 281 -15.60 20.25 -19.38
N SER A 282 -16.86 19.87 -19.20
CA SER A 282 -17.20 18.74 -18.35
C SER A 282 -17.04 17.39 -19.03
N GLY A 283 -16.89 17.39 -20.35
CA GLY A 283 -16.82 16.15 -21.13
C GLY A 283 -15.51 15.90 -21.87
N VAL A 284 -14.38 16.18 -21.22
CA VAL A 284 -13.10 15.77 -21.78
C VAL A 284 -12.44 14.76 -20.85
N LEU A 285 -11.46 14.02 -21.37
CA LEU A 285 -10.77 13.01 -20.58
C LEU A 285 -10.15 13.56 -19.29
N THR A 286 -9.63 14.79 -19.34
CA THR A 286 -8.91 15.40 -18.20
C THR A 286 -9.84 16.12 -17.20
N THR A 287 -11.15 16.05 -17.41
CA THR A 287 -12.10 16.69 -16.46
C THR A 287 -11.86 16.27 -14.98
N SER A 288 -11.82 14.96 -14.72
CA SER A 288 -11.67 14.49 -13.34
C SER A 288 -10.28 14.79 -12.73
N CYS A 289 -9.23 14.43 -13.46
CA CYS A 289 -7.86 14.71 -13.06
C CYS A 289 -7.60 16.20 -12.94
N GLY A 290 -8.02 16.96 -13.96
CA GLY A 290 -7.83 18.40 -13.95
C GLY A 290 -8.49 19.03 -12.73
N ASN A 291 -9.75 18.68 -12.48
CA ASN A 291 -10.47 19.22 -11.31
C ASN A 291 -9.84 18.79 -9.98
N THR A 292 -9.36 17.54 -9.93
CA THR A 292 -8.78 16.97 -8.69
C THR A 292 -7.50 17.72 -8.34
N LEU A 293 -6.58 17.79 -9.30
CA LEU A 293 -5.35 18.58 -9.13
C LEU A 293 -5.62 20.03 -8.73
N THR A 294 -6.56 20.67 -9.43
CA THR A 294 -6.81 22.10 -9.23
C THR A 294 -7.48 22.30 -7.87
N CYS A 295 -8.44 21.44 -7.54
CA CYS A 295 -9.04 21.44 -6.18
C CYS A 295 -8.03 21.23 -5.05
N TYR A 296 -7.15 20.26 -5.23
CA TYR A 296 -6.11 19.93 -4.23
C TYR A 296 -5.08 21.07 -4.09
N LEU A 297 -4.65 21.63 -5.22
CA LEU A 297 -3.74 22.78 -5.17
C LEU A 297 -4.35 23.95 -4.38
N LYS A 298 -5.53 24.39 -4.80
CA LYS A 298 -6.17 25.55 -4.17
C LYS A 298 -6.46 25.27 -2.69
N ALA A 299 -7.00 24.08 -2.38
CA ALA A 299 -7.35 23.73 -1.00
C ALA A 299 -6.13 23.61 -0.12
N SER A 300 -5.08 22.96 -0.64
CA SER A 300 -3.83 22.79 0.11
C SER A 300 -3.23 24.14 0.49
N ALA A 301 -3.28 25.11 -0.44
CA ALA A 301 -2.72 26.43 -0.20
C ALA A 301 -3.63 27.23 0.74
N ALA A 302 -4.94 27.04 0.63
CA ALA A 302 -5.92 27.72 1.50
C ALA A 302 -5.79 27.22 2.94
N CYS A 303 -5.48 25.93 3.09
CA CYS A 303 -5.21 25.35 4.41
CA CYS A 303 -5.21 25.35 4.40
C CYS A 303 -4.03 26.05 5.07
N ARG A 304 -2.98 26.34 4.28
CA ARG A 304 -1.78 27.04 4.77
C ARG A 304 -2.11 28.47 5.13
N ALA A 305 -2.89 29.15 4.29
CA ALA A 305 -3.35 30.51 4.59
C ALA A 305 -4.16 30.57 5.90
N ALA A 306 -5.04 29.58 6.09
CA ALA A 306 -5.90 29.51 7.26
C ALA A 306 -5.17 28.91 8.48
N LYS A 307 -3.95 28.41 8.25
CA LYS A 307 -3.12 27.82 9.32
C LYS A 307 -3.83 26.68 10.05
N LEU A 308 -4.48 25.80 9.28
CA LEU A 308 -5.16 24.62 9.84
C LEU A 308 -4.16 23.68 10.47
N GLN A 309 -4.49 23.11 11.62
CA GLN A 309 -3.52 22.27 12.34
C GLN A 309 -3.70 20.79 12.01
N ASP A 310 -2.58 20.09 11.74
CA ASP A 310 -2.57 18.65 11.43
C ASP A 310 -3.72 18.31 10.47
N CYS A 311 -3.67 18.96 9.32
CA CYS A 311 -4.77 18.97 8.37
C CYS A 311 -4.62 17.83 7.34
N THR A 312 -5.68 17.04 7.16
CA THR A 312 -5.69 15.94 6.16
C THR A 312 -6.81 16.15 5.15
N MET A 313 -6.46 16.11 3.86
CA MET A 313 -7.44 16.32 2.79
C MET A 313 -7.81 15.05 2.04
N LEU A 314 -9.08 14.98 1.63
CA LEU A 314 -9.55 13.90 0.75
C LEU A 314 -10.30 14.49 -0.44
N VAL A 315 -9.77 14.25 -1.64
CA VAL A 315 -10.22 14.99 -2.82
C VAL A 315 -10.63 14.03 -3.93
N ASN A 316 -11.85 14.21 -4.43
CA ASN A 316 -12.39 13.49 -5.58
C ASN A 316 -12.91 14.50 -6.58
N GLY A 317 -12.07 14.88 -7.55
CA GLY A 317 -12.41 15.98 -8.48
C GLY A 317 -12.71 17.25 -7.71
N ASP A 318 -13.90 17.80 -7.94
CA ASP A 318 -14.37 19.00 -7.24
C ASP A 318 -14.89 18.73 -5.83
N ASP A 319 -14.86 17.46 -5.41
CA ASP A 319 -15.36 17.08 -4.10
C ASP A 319 -14.24 17.07 -3.05
N LEU A 320 -14.41 17.86 -1.99
CA LEU A 320 -13.35 18.07 -1.01
C LEU A 320 -13.85 17.95 0.43
N VAL A 321 -13.12 17.19 1.24
CA VAL A 321 -13.34 17.13 2.70
C VAL A 321 -11.98 17.25 3.38
N VAL A 322 -11.96 18.05 4.43
CA VAL A 322 -10.76 18.33 5.21
C VAL A 322 -11.04 17.89 6.64
N ILE A 323 -10.09 17.15 7.21
CA ILE A 323 -10.15 16.77 8.63
C ILE A 323 -8.88 17.30 9.29
N CYS A 324 -9.06 18.01 10.40
CA CYS A 324 -7.93 18.63 11.11
C CYS A 324 -8.11 18.61 12.63
N GLU A 325 -7.17 19.22 13.34
CA GLU A 325 -7.27 19.45 14.78
C GLU A 325 -8.08 20.68 15.12
N SER A 326 -9.07 20.52 15.99
CA SER A 326 -9.85 21.66 16.46
C SER A 326 -9.01 22.61 17.32
N ALA A 327 -9.32 23.90 17.23
CA ALA A 327 -8.83 24.92 18.15
C ALA A 327 -9.99 25.48 18.97
N GLY A 328 -11.09 24.71 19.03
CA GLY A 328 -12.34 25.17 19.64
C GLY A 328 -13.24 25.80 18.60
N THR A 329 -14.53 25.91 18.93
CA THR A 329 -15.56 26.29 17.94
C THR A 329 -15.42 27.71 17.38
N GLN A 330 -14.97 28.66 18.19
CA GLN A 330 -14.75 30.03 17.73
C GLN A 330 -13.61 30.09 16.71
N GLU A 331 -12.46 29.55 17.08
CA GLU A 331 -11.29 29.54 16.20
C GLU A 331 -11.51 28.68 14.95
N ASP A 332 -12.24 27.57 15.09
CA ASP A 332 -12.56 26.73 13.93
C ASP A 332 -13.43 27.48 12.91
N ALA A 333 -14.41 28.26 13.40
CA ALA A 333 -15.27 29.05 12.51
C ALA A 333 -14.50 30.15 11.80
N ALA A 334 -13.59 30.81 12.53
CA ALA A 334 -12.75 31.87 11.98
C ALA A 334 -11.75 31.30 10.96
N SER A 335 -11.09 30.21 11.33
CA SER A 335 -10.21 29.46 10.44
C SER A 335 -10.89 29.15 9.13
N LEU A 336 -12.09 28.55 9.19
CA LEU A 336 -12.86 28.19 8.00
C LEU A 336 -13.23 29.39 7.14
N ARG A 337 -13.50 30.53 7.79
CA ARG A 337 -13.73 31.78 7.06
C ARG A 337 -12.50 32.21 6.27
N VAL A 338 -11.33 32.15 6.91
CA VAL A 338 -10.07 32.48 6.23
C VAL A 338 -9.83 31.49 5.08
N PHE A 339 -10.01 30.20 5.34
CA PHE A 339 -9.93 29.15 4.30
C PHE A 339 -10.82 29.49 3.09
N THR A 340 -12.04 29.93 3.38
CA THR A 340 -13.03 30.30 2.37
C THR A 340 -12.64 31.58 1.62
N GLU A 341 -12.10 32.56 2.35
CA GLU A 341 -11.57 33.77 1.75
C GLU A 341 -10.44 33.43 0.76
N ALA A 342 -9.53 32.56 1.18
CA ALA A 342 -8.41 32.13 0.33
C ALA A 342 -8.89 31.39 -0.91
N MET A 343 -9.78 30.40 -0.72
CA MET A 343 -10.37 29.69 -1.84
C MET A 343 -11.04 30.65 -2.81
N THR A 344 -11.75 31.64 -2.26
CA THR A 344 -12.40 32.63 -3.08
C THR A 344 -11.39 33.43 -3.91
N ARG A 345 -10.26 33.81 -3.29
CA ARG A 345 -9.21 34.55 -4.01
C ARG A 345 -8.63 33.74 -5.15
N TYR A 346 -8.62 32.42 -4.96
CA TYR A 346 -8.07 31.46 -5.93
C TYR A 346 -9.12 31.13 -6.98
N SER A 347 -10.29 31.73 -6.84
CA SER A 347 -11.40 31.46 -7.77
C SER A 347 -11.99 30.08 -7.50
N ALA A 348 -12.46 29.89 -6.28
CA ALA A 348 -13.31 28.75 -5.93
C ALA A 348 -14.17 29.15 -4.73
N PRO A 349 -15.11 30.10 -4.92
CA PRO A 349 -15.99 30.52 -3.84
C PRO A 349 -16.98 29.39 -3.52
N PRO A 350 -17.55 29.38 -2.28
CA PRO A 350 -18.42 28.26 -1.92
C PRO A 350 -19.84 28.42 -2.42
N GLY A 351 -20.60 27.33 -2.42
CA GLY A 351 -22.03 27.39 -2.64
C GLY A 351 -22.67 27.62 -1.29
N ASP A 352 -22.85 26.54 -0.54
CA ASP A 352 -23.17 26.66 0.88
C ASP A 352 -21.84 26.93 1.56
N PRO A 353 -21.80 27.92 2.46
CA PRO A 353 -20.59 28.13 3.27
C PRO A 353 -20.31 26.87 4.09
N PRO A 354 -19.03 26.50 4.26
CA PRO A 354 -18.71 25.29 5.00
C PRO A 354 -18.95 25.49 6.48
N GLN A 355 -19.32 24.42 7.17
CA GLN A 355 -19.50 24.44 8.63
C GLN A 355 -18.55 23.42 9.26
N PRO A 356 -17.90 23.79 10.38
CA PRO A 356 -17.09 22.81 11.12
C PRO A 356 -17.98 21.72 11.71
N GLU A 357 -17.56 20.46 11.61
CA GLU A 357 -18.31 19.36 12.20
C GLU A 357 -17.46 18.58 13.19
N TYR A 358 -18.07 18.19 14.30
CA TYR A 358 -17.39 17.48 15.39
C TYR A 358 -17.79 15.99 15.53
N ASP A 359 -18.74 15.56 14.71
CA ASP A 359 -19.14 14.15 14.57
C ASP A 359 -18.93 13.72 13.12
N LEU A 360 -18.07 12.73 12.92
CA LEU A 360 -17.73 12.26 11.57
C LEU A 360 -18.98 11.94 10.73
N GLU A 361 -20.01 11.44 11.40
CA GLU A 361 -21.22 10.97 10.73
C GLU A 361 -22.11 12.10 10.21
N LEU A 362 -21.76 13.35 10.55
CA LEU A 362 -22.48 14.52 10.07
C LEU A 362 -21.82 15.13 8.81
N ILE A 363 -20.65 14.59 8.47
CA ILE A 363 -19.93 15.07 7.30
C ILE A 363 -20.36 14.30 6.04
N THR A 364 -20.85 15.05 5.05
CA THR A 364 -21.17 14.46 3.74
C THR A 364 -20.02 14.75 2.77
N SER A 365 -19.47 13.69 2.18
CA SER A 365 -18.44 13.84 1.16
C SER A 365 -18.61 12.72 0.15
N CYS A 366 -18.42 13.03 -1.13
CA CYS A 366 -18.81 12.14 -2.22
C CYS A 366 -20.25 11.66 -2.04
N SER A 367 -21.10 12.62 -1.67
CA SER A 367 -22.55 12.41 -1.47
C SER A 367 -22.86 11.38 -0.37
N SER A 368 -21.87 11.07 0.45
CA SER A 368 -21.96 9.99 1.43
C SER A 368 -21.54 10.44 2.82
N ASN A 369 -22.08 9.77 3.84
CA ASN A 369 -21.67 9.98 5.21
C ASN A 369 -21.35 8.66 5.87
N VAL A 370 -20.36 8.69 6.75
CA VAL A 370 -19.97 7.51 7.52
C VAL A 370 -21.08 7.20 8.53
N SER A 371 -21.37 5.91 8.70
CA SER A 371 -22.29 5.47 9.75
C SER A 371 -21.85 4.13 10.33
N VAL A 372 -22.49 3.72 11.42
CA VAL A 372 -22.09 2.48 12.09
C VAL A 372 -23.20 1.44 12.21
N ALA A 373 -22.82 0.18 12.03
CA ALA A 373 -23.69 -0.96 12.29
C ALA A 373 -22.88 -2.09 12.95
N HIS A 374 -23.50 -3.24 13.11
CA HIS A 374 -22.83 -4.36 13.78
C HIS A 374 -22.89 -5.63 12.93
N ASP A 375 -21.79 -6.39 12.92
CA ASP A 375 -21.73 -7.63 12.13
C ASP A 375 -22.29 -8.84 12.90
N ALA A 376 -21.93 -10.04 12.44
CA ALA A 376 -22.42 -11.30 13.03
C ALA A 376 -21.95 -11.47 14.48
N SER A 377 -20.76 -10.95 14.76
CA SER A 377 -20.13 -11.07 16.07
C SER A 377 -20.54 -9.98 17.07
N GLY A 378 -21.36 -9.03 16.62
CA GLY A 378 -21.70 -7.85 17.43
C GLY A 378 -20.63 -6.77 17.34
N LYS A 379 -19.64 -7.01 16.49
CA LYS A 379 -18.50 -6.10 16.31
C LYS A 379 -18.94 -4.84 15.54
N ARG A 380 -18.39 -3.69 15.91
CA ARG A 380 -18.72 -2.43 15.24
C ARG A 380 -18.11 -2.39 13.82
N VAL A 381 -18.91 -1.93 12.86
CA VAL A 381 -18.47 -1.82 11.48
C VAL A 381 -18.90 -0.46 10.92
N TYR A 382 -17.92 0.27 10.40
CA TYR A 382 -18.20 1.54 9.73
C TYR A 382 -18.48 1.29 8.25
N TYR A 383 -19.40 2.08 7.69
CA TYR A 383 -19.77 1.99 6.30
C TYR A 383 -20.29 3.34 5.82
N LEU A 384 -20.31 3.51 4.50
CA LEU A 384 -20.76 4.73 3.85
C LEU A 384 -22.19 4.61 3.35
N THR A 385 -22.98 5.62 3.69
CA THR A 385 -24.37 5.68 3.30
C THR A 385 -24.77 7.06 2.79
N ARG A 386 -26.04 7.22 2.41
CA ARG A 386 -26.57 8.52 2.02
C ARG A 386 -28.07 8.53 2.18
N ASP A 387 -28.68 9.70 2.06
CA ASP A 387 -30.12 9.81 1.94
C ASP A 387 -30.52 9.04 0.69
N PRO A 388 -31.40 8.03 0.83
CA PRO A 388 -31.72 7.20 -0.32
C PRO A 388 -32.73 7.80 -1.32
N THR A 389 -33.11 9.06 -1.15
CA THR A 389 -34.13 9.68 -2.02
C THR A 389 -33.76 9.64 -3.52
N THR A 390 -32.61 10.18 -3.90
CA THR A 390 -32.22 10.19 -5.32
C THR A 390 -32.00 8.75 -5.86
N PRO A 391 -31.24 7.90 -5.14
CA PRO A 391 -31.17 6.49 -5.55
C PRO A 391 -32.53 5.82 -5.84
N LEU A 392 -33.53 6.08 -5.00
CA LEU A 392 -34.84 5.47 -5.17
C LEU A 392 -35.66 6.13 -6.28
N ALA A 393 -35.48 7.43 -6.46
CA ALA A 393 -36.14 8.14 -7.55
C ALA A 393 -35.65 7.57 -8.89
N ARG A 394 -34.33 7.37 -8.96
CA ARG A 394 -33.68 6.83 -10.19
C ARG A 394 -34.03 5.37 -10.45
N ALA A 395 -34.08 4.56 -9.39
CA ALA A 395 -34.53 3.18 -9.45
C ALA A 395 -35.95 3.10 -9.96
N ALA A 396 -36.80 4.01 -9.51
CA ALA A 396 -38.18 4.09 -10.01
C ALA A 396 -38.22 4.34 -11.51
N TRP A 397 -37.41 5.27 -11.99
CA TRP A 397 -37.35 5.56 -13.42
C TRP A 397 -36.88 4.31 -14.19
N GLU A 398 -35.89 3.62 -13.64
CA GLU A 398 -35.27 2.46 -14.31
C GLU A 398 -36.12 1.18 -14.26
N THR A 399 -37.14 1.21 -13.41
CA THR A 399 -38.14 0.15 -13.32
C THR A 399 -39.06 0.16 -14.54
N ALA A 400 -39.25 1.32 -15.14
CA ALA A 400 -40.15 1.49 -16.28
C ALA A 400 -39.41 1.78 -17.58
N ARG A 401 -38.16 2.24 -17.49
CA ARG A 401 -37.36 2.57 -18.66
C ARG A 401 -35.96 1.94 -18.63
N HIS A 402 -35.54 1.37 -19.75
CA HIS A 402 -34.15 0.98 -19.89
C HIS A 402 -33.32 2.24 -20.13
N THR A 403 -32.22 2.35 -19.40
CA THR A 403 -31.30 3.47 -19.53
C THR A 403 -29.89 2.94 -19.86
N PRO A 404 -29.07 3.78 -20.52
CA PRO A 404 -27.71 3.33 -20.87
C PRO A 404 -26.83 3.02 -19.65
N VAL A 405 -27.07 3.71 -18.53
CA VAL A 405 -26.42 3.41 -17.25
C VAL A 405 -27.47 3.04 -16.21
N ASN A 406 -27.26 1.90 -15.55
CA ASN A 406 -28.18 1.41 -14.53
C ASN A 406 -27.74 1.92 -13.17
N SER A 407 -28.28 3.06 -12.75
CA SER A 407 -27.92 3.64 -11.46
C SER A 407 -28.13 2.66 -10.33
N TRP A 408 -29.20 1.87 -10.42
CA TRP A 408 -29.54 0.93 -9.38
C TRP A 408 -28.41 -0.04 -9.08
N LEU A 409 -27.77 -0.52 -10.15
CA LEU A 409 -26.65 -1.46 -10.02
C LEU A 409 -25.41 -0.80 -9.44
N GLY A 410 -25.12 0.43 -9.89
CA GLY A 410 -24.02 1.19 -9.31
C GLY A 410 -24.25 1.43 -7.82
N ASN A 411 -25.49 1.72 -7.45
CA ASN A 411 -25.84 2.00 -6.05
C ASN A 411 -25.75 0.76 -5.17
N ILE A 412 -26.17 -0.39 -5.69
CA ILE A 412 -26.02 -1.65 -4.95
C ILE A 412 -24.55 -1.98 -4.71
N ILE A 413 -23.71 -1.74 -5.72
CA ILE A 413 -22.28 -2.02 -5.60
C ILE A 413 -21.59 -1.11 -4.58
N MET A 414 -21.85 0.19 -4.66
CA MET A 414 -21.18 1.13 -3.78
C MET A 414 -21.83 1.28 -2.40
N TYR A 415 -23.11 0.94 -2.30
CA TYR A 415 -23.84 1.07 -1.02
C TYR A 415 -24.36 -0.27 -0.49
N ALA A 416 -23.71 -1.35 -0.89
CA ALA A 416 -24.09 -2.71 -0.50
C ALA A 416 -24.40 -2.89 0.98
N PRO A 417 -23.57 -2.32 1.89
CA PRO A 417 -23.83 -2.55 3.31
C PRO A 417 -25.02 -1.80 3.89
N THR A 418 -25.62 -0.91 3.09
CA THR A 418 -26.67 -0.06 3.60
C THR A 418 -27.99 -0.81 3.74
N LEU A 419 -28.80 -0.34 4.68
CA LEU A 419 -30.11 -0.89 4.94
C LEU A 419 -31.04 -0.75 3.73
N TRP A 420 -30.98 0.40 3.06
CA TRP A 420 -31.86 0.67 1.95
C TRP A 420 -31.47 -0.06 0.66
N ALA A 421 -30.17 -0.22 0.44
CA ALA A 421 -29.71 -0.93 -0.77
C ALA A 421 -29.99 -2.42 -0.66
N ARG A 422 -29.76 -2.98 0.53
CA ARG A 422 -30.09 -4.37 0.82
C ARG A 422 -31.58 -4.66 0.82
N MET A 423 -32.35 -3.89 1.59
CA MET A 423 -33.75 -4.21 1.77
C MET A 423 -34.59 -3.87 0.55
N ILE A 424 -34.24 -2.78 -0.14
CA ILE A 424 -35.08 -2.28 -1.23
C ILE A 424 -34.50 -2.58 -2.62
N LEU A 425 -33.33 -2.03 -2.93
CA LEU A 425 -32.74 -2.16 -4.25
C LEU A 425 -32.45 -3.61 -4.65
N MET A 426 -31.86 -4.38 -3.74
CA MET A 426 -31.56 -5.80 -4.00
C MET A 426 -32.84 -6.61 -4.24
N THR A 427 -33.84 -6.40 -3.39
CA THR A 427 -35.10 -7.13 -3.42
C THR A 427 -35.89 -6.85 -4.69
N HIS A 428 -35.97 -5.57 -5.06
CA HIS A 428 -36.78 -5.11 -6.16
C HIS A 428 -36.18 -5.59 -7.47
N PHE A 429 -34.89 -5.35 -7.64
CA PHE A 429 -34.28 -5.59 -8.94
C PHE A 429 -33.99 -7.05 -9.22
N PHE A 430 -33.67 -7.82 -8.20
CA PHE A 430 -33.54 -9.26 -8.36
C PHE A 430 -34.88 -9.89 -8.69
N SER A 431 -35.95 -9.37 -8.11
CA SER A 431 -37.29 -9.83 -8.48
C SER A 431 -37.59 -9.61 -9.96
N ILE A 432 -37.15 -8.47 -10.50
CA ILE A 432 -37.34 -8.12 -11.91
C ILE A 432 -36.49 -9.03 -12.81
N LEU A 433 -35.26 -9.28 -12.39
CA LEU A 433 -34.35 -10.13 -13.16
C LEU A 433 -34.87 -11.57 -13.22
N LEU A 434 -35.39 -12.07 -12.09
CA LEU A 434 -36.00 -13.41 -12.02
C LEU A 434 -37.18 -13.53 -12.99
N ALA A 435 -38.10 -12.57 -12.92
CA ALA A 435 -39.30 -12.58 -13.78
C ALA A 435 -38.97 -12.52 -15.28
N GLN A 436 -37.90 -11.84 -15.64
CA GLN A 436 -37.52 -11.69 -17.05
C GLN A 436 -36.54 -12.77 -17.49
N GLU A 437 -36.18 -13.63 -16.54
CA GLU A 437 -35.07 -14.59 -16.68
C GLU A 437 -33.81 -13.89 -17.20
N GLN A 438 -33.43 -12.80 -16.55
CA GLN A 438 -32.29 -11.99 -17.02
C GLN A 438 -31.12 -11.90 -16.04
N LEU A 439 -31.03 -12.86 -15.14
CA LEU A 439 -29.92 -12.94 -14.19
C LEU A 439 -28.54 -12.95 -14.86
N GLU A 440 -28.47 -13.63 -16.00
CA GLU A 440 -27.23 -13.88 -16.75
C GLU A 440 -26.76 -12.68 -17.58
N LYS A 441 -27.65 -11.72 -17.79
CA LYS A 441 -27.39 -10.64 -18.75
C LYS A 441 -26.50 -9.53 -18.18
N ALA A 442 -25.39 -9.29 -18.85
CA ALA A 442 -24.46 -8.20 -18.47
C ALA A 442 -25.12 -6.81 -18.55
N LEU A 443 -24.92 -6.02 -17.49
CA LEU A 443 -25.53 -4.70 -17.37
C LEU A 443 -24.47 -3.60 -17.22
N ASP A 444 -24.73 -2.45 -17.84
CA ASP A 444 -23.77 -1.35 -17.82
C ASP A 444 -23.98 -0.49 -16.59
N CYS A 445 -22.87 -0.11 -15.94
CA CYS A 445 -22.96 0.91 -14.90
C CYS A 445 -21.69 1.74 -14.82
N GLN A 446 -21.79 2.87 -14.11
CA GLN A 446 -20.64 3.74 -13.97
C GLN A 446 -20.09 3.73 -12.56
N ILE A 447 -18.77 3.54 -12.48
CA ILE A 447 -18.06 3.59 -11.22
C ILE A 447 -16.91 4.56 -11.37
N TYR A 448 -16.93 5.61 -10.56
CA TYR A 448 -15.96 6.71 -10.63
C TYR A 448 -15.89 7.30 -12.04
N GLY A 449 -17.03 7.28 -12.72
CA GLY A 449 -17.16 7.92 -14.02
C GLY A 449 -16.87 7.01 -15.21
N ALA A 450 -16.18 5.90 -14.98
CA ALA A 450 -15.90 4.92 -16.06
C ALA A 450 -17.04 3.90 -16.21
N CYS A 451 -17.28 3.46 -17.43
CA CYS A 451 -18.37 2.51 -17.72
C CYS A 451 -17.89 1.06 -17.60
N TYR A 452 -18.67 0.25 -16.89
CA TYR A 452 -18.39 -1.19 -16.73
C TYR A 452 -19.59 -2.04 -17.17
N SER A 453 -19.30 -3.17 -17.82
CA SER A 453 -20.32 -4.17 -18.05
C SER A 453 -20.25 -5.18 -16.92
N ILE A 454 -21.32 -5.25 -16.13
CA ILE A 454 -21.37 -6.11 -14.95
C ILE A 454 -22.44 -7.17 -15.09
N GLU A 455 -22.10 -8.37 -14.65
CA GLU A 455 -23.09 -9.44 -14.51
C GLU A 455 -23.66 -9.41 -13.09
N PRO A 456 -24.98 -9.17 -12.96
CA PRO A 456 -25.60 -9.16 -11.62
C PRO A 456 -25.30 -10.41 -10.78
N LEU A 457 -25.03 -11.54 -11.41
CA LEU A 457 -24.71 -12.77 -10.67
C LEU A 457 -23.34 -12.73 -9.99
N ASP A 458 -22.49 -11.78 -10.38
CA ASP A 458 -21.17 -11.62 -9.75
C ASP A 458 -21.23 -10.68 -8.55
N LEU A 459 -22.41 -10.16 -8.22
CA LEU A 459 -22.57 -9.25 -7.09
C LEU A 459 -22.02 -9.76 -5.75
N PRO A 460 -22.35 -11.00 -5.34
CA PRO A 460 -21.78 -11.45 -4.06
C PRO A 460 -20.26 -11.32 -3.98
N GLN A 461 -19.53 -11.77 -5.01
CA GLN A 461 -18.08 -11.64 -5.05
C GLN A 461 -17.63 -10.19 -5.05
N ILE A 462 -18.30 -9.36 -5.86
CA ILE A 462 -17.97 -7.94 -5.97
C ILE A 462 -18.10 -7.30 -4.59
N ILE A 463 -19.18 -7.63 -3.90
CA ILE A 463 -19.47 -7.01 -2.60
C ILE A 463 -18.44 -7.46 -1.54
N GLU A 464 -18.10 -8.75 -1.54
CA GLU A 464 -17.08 -9.27 -0.64
C GLU A 464 -15.78 -8.48 -0.81
N ARG A 465 -15.36 -8.32 -2.05
CA ARG A 465 -14.11 -7.62 -2.37
C ARG A 465 -14.08 -6.14 -1.95
N LEU A 466 -15.20 -5.44 -2.09
CA LEU A 466 -15.25 -4.00 -1.89
C LEU A 466 -15.63 -3.59 -0.46
N HIS A 467 -16.37 -4.45 0.21
CA HIS A 467 -16.91 -4.13 1.53
C HIS A 467 -16.52 -5.12 2.63
N GLY A 468 -16.09 -6.33 2.24
CA GLY A 468 -15.90 -7.42 3.19
C GLY A 468 -17.18 -8.21 3.43
N LEU A 469 -17.03 -9.39 4.06
CA LEU A 469 -18.15 -10.30 4.30
C LEU A 469 -19.20 -9.74 5.25
N SER A 470 -18.80 -8.79 6.10
CA SER A 470 -19.75 -8.21 7.06
C SER A 470 -20.89 -7.50 6.36
N ALA A 471 -20.67 -7.09 5.11
CA ALA A 471 -21.71 -6.41 4.31
C ALA A 471 -22.97 -7.27 4.21
N PHE A 472 -22.79 -8.59 4.35
CA PHE A 472 -23.90 -9.53 4.26
C PHE A 472 -24.51 -9.87 5.62
N SER A 473 -23.98 -9.29 6.70
CA SER A 473 -24.49 -9.61 8.04
C SER A 473 -24.74 -8.42 8.96
N LEU A 474 -24.70 -7.21 8.41
CA LEU A 474 -24.88 -6.02 9.22
C LEU A 474 -26.28 -5.92 9.81
N HIS A 475 -26.36 -5.48 11.06
CA HIS A 475 -27.64 -5.25 11.74
C HIS A 475 -27.48 -4.15 12.77
N SER A 476 -28.55 -3.86 13.50
CA SER A 476 -28.51 -2.85 14.55
C SER A 476 -27.93 -1.56 13.96
N TYR A 477 -28.66 -1.02 12.99
CA TYR A 477 -28.31 0.24 12.35
C TYR A 477 -28.65 1.40 13.29
N SER A 478 -27.98 2.54 13.08
CA SER A 478 -28.12 3.68 13.97
C SER A 478 -29.52 4.28 13.83
N PRO A 479 -30.12 4.74 14.96
CA PRO A 479 -31.42 5.43 14.92
C PRO A 479 -31.49 6.52 13.86
N GLY A 480 -30.40 7.26 13.66
CA GLY A 480 -30.36 8.33 12.66
C GLY A 480 -30.51 7.83 11.24
N GLU A 481 -29.77 6.78 10.90
CA GLU A 481 -29.85 6.14 9.61
C GLU A 481 -31.25 5.58 9.37
N ILE A 482 -31.73 4.78 10.33
CA ILE A 482 -33.09 4.23 10.28
C ILE A 482 -34.17 5.29 10.09
N ASN A 483 -34.08 6.40 10.81
CA ASN A 483 -35.06 7.48 10.68
C ASN A 483 -35.04 8.16 9.31
N ARG A 484 -33.83 8.41 8.78
CA ARG A 484 -33.67 9.02 7.45
C ARG A 484 -34.23 8.10 6.36
N VAL A 485 -33.95 6.81 6.47
CA VAL A 485 -34.51 5.83 5.52
C VAL A 485 -36.05 5.83 5.57
N ALA A 486 -36.60 5.65 6.78
CA ALA A 486 -38.06 5.62 7.01
C ALA A 486 -38.77 6.89 6.54
N SER A 487 -38.22 8.05 6.89
CA SER A 487 -38.76 9.33 6.44
C SER A 487 -38.73 9.49 4.92
N CYS A 488 -37.70 8.93 4.29
CA CYS A 488 -37.63 8.92 2.82
C CYS A 488 -38.75 8.05 2.24
N LEU A 489 -38.97 6.87 2.81
CA LEU A 489 -40.00 5.96 2.30
C LEU A 489 -41.39 6.56 2.39
N ARG A 490 -41.66 7.26 3.50
CA ARG A 490 -42.91 8.01 3.66
C ARG A 490 -43.08 9.11 2.61
N LYS A 491 -42.01 9.89 2.39
CA LYS A 491 -42.03 10.97 1.41
C LYS A 491 -42.38 10.49 0.00
N LEU A 492 -41.72 9.41 -0.43
CA LEU A 492 -41.89 8.91 -1.79
C LEU A 492 -43.06 7.94 -1.96
N GLY A 493 -43.61 7.47 -0.84
CA GLY A 493 -44.67 6.45 -0.86
C GLY A 493 -44.11 5.08 -1.21
N VAL A 494 -43.02 4.72 -0.55
CA VAL A 494 -42.37 3.41 -0.73
C VAL A 494 -42.86 2.49 0.39
N PRO A 495 -43.25 1.23 0.05
CA PRO A 495 -43.71 0.29 1.07
C PRO A 495 -42.71 0.17 2.22
N PRO A 496 -43.22 -0.01 3.45
CA PRO A 496 -42.33 -0.07 4.61
C PRO A 496 -41.39 -1.28 4.57
N LEU A 497 -40.31 -1.21 5.34
CA LEU A 497 -39.29 -2.25 5.33
C LEU A 497 -39.82 -3.66 5.60
N ARG A 498 -40.90 -3.78 6.37
CA ARG A 498 -41.55 -5.09 6.60
C ARG A 498 -42.07 -5.74 5.33
N VAL A 499 -42.58 -4.93 4.40
CA VAL A 499 -43.03 -5.40 3.09
C VAL A 499 -41.82 -5.93 2.29
N TRP A 500 -40.71 -5.21 2.38
CA TRP A 500 -39.49 -5.59 1.65
C TRP A 500 -38.90 -6.90 2.19
N ARG A 501 -38.95 -7.10 3.50
CA ARG A 501 -38.50 -8.36 4.11
C ARG A 501 -39.31 -9.54 3.58
N HIS A 502 -40.63 -9.38 3.56
CA HIS A 502 -41.56 -10.39 3.06
C HIS A 502 -41.25 -10.75 1.62
N ARG A 503 -41.15 -9.74 0.76
CA ARG A 503 -40.82 -9.93 -0.66
C ARG A 503 -39.47 -10.61 -0.83
N ALA A 504 -38.49 -10.14 -0.05
CA ALA A 504 -37.13 -10.66 -0.08
C ALA A 504 -37.08 -12.16 0.18
N ARG A 505 -37.94 -12.64 1.08
CA ARG A 505 -37.96 -14.06 1.42
C ARG A 505 -38.33 -14.93 0.20
N SER A 506 -39.23 -14.41 -0.64
CA SER A 506 -39.63 -15.05 -1.89
C SER A 506 -38.51 -15.00 -2.91
N VAL A 507 -37.96 -13.80 -3.12
CA VAL A 507 -36.82 -13.64 -4.03
C VAL A 507 -35.68 -14.60 -3.65
N ARG A 508 -35.36 -14.63 -2.36
CA ARG A 508 -34.31 -15.52 -1.84
C ARG A 508 -34.55 -17.00 -2.20
N ALA A 509 -35.75 -17.49 -1.89
CA ALA A 509 -36.12 -18.88 -2.13
C ALA A 509 -36.10 -19.21 -3.62
N ARG A 510 -36.60 -18.29 -4.45
CA ARG A 510 -36.55 -18.43 -5.90
C ARG A 510 -35.12 -18.57 -6.40
N LEU A 511 -34.23 -17.68 -5.95
CA LEU A 511 -32.81 -17.78 -6.29
C LEU A 511 -32.18 -19.09 -5.81
N LEU A 512 -32.46 -19.49 -4.56
CA LEU A 512 -31.90 -20.76 -4.06
C LEU A 512 -32.35 -21.96 -4.92
N SER A 513 -33.60 -21.93 -5.39
CA SER A 513 -34.19 -23.01 -6.19
C SER A 513 -33.48 -23.27 -7.51
N GLN A 514 -32.84 -22.24 -8.06
CA GLN A 514 -32.21 -22.31 -9.36
C GLN A 514 -30.77 -22.83 -9.28
N GLY A 515 -30.23 -22.87 -8.08
CA GLY A 515 -28.86 -23.36 -7.84
C GLY A 515 -27.79 -22.46 -8.42
N GLY A 516 -26.55 -22.94 -8.41
CA GLY A 516 -25.44 -22.22 -9.03
C GLY A 516 -25.19 -20.83 -8.48
N ARG A 517 -24.86 -19.91 -9.38
CA ARG A 517 -24.53 -18.53 -9.01
C ARG A 517 -25.76 -17.79 -8.47
N ALA A 518 -26.94 -18.21 -8.94
CA ALA A 518 -28.20 -17.63 -8.50
C ALA A 518 -28.44 -17.97 -7.04
N ALA A 519 -28.21 -19.23 -6.67
CA ALA A 519 -28.36 -19.64 -5.27
C ALA A 519 -27.37 -18.91 -4.35
N THR A 520 -26.14 -18.73 -4.83
CA THR A 520 -25.13 -17.94 -4.13
C THR A 520 -25.67 -16.53 -3.82
N CYS A 521 -26.30 -15.90 -4.81
CA CYS A 521 -26.96 -14.61 -4.64
C CYS A 521 -28.03 -14.68 -3.56
N GLY A 522 -28.90 -15.69 -3.65
CA GLY A 522 -29.93 -15.89 -2.63
C GLY A 522 -29.33 -16.03 -1.23
N LYS A 523 -28.25 -16.78 -1.13
CA LYS A 523 -27.61 -17.08 0.16
C LYS A 523 -26.97 -15.83 0.79
N TYR A 524 -26.12 -15.17 0.03
CA TYR A 524 -25.34 -14.03 0.53
C TYR A 524 -26.13 -12.73 0.61
N LEU A 525 -26.82 -12.38 -0.48
CA LEU A 525 -27.52 -11.09 -0.56
C LEU A 525 -28.75 -10.98 0.33
N PHE A 526 -29.36 -12.12 0.67
CA PHE A 526 -30.64 -12.09 1.39
C PHE A 526 -30.68 -12.85 2.72
N ASN A 527 -29.52 -13.12 3.30
CA ASN A 527 -29.43 -13.79 4.60
C ASN A 527 -30.15 -12.96 5.67
N TRP A 528 -30.24 -11.65 5.43
CA TRP A 528 -30.90 -10.73 6.35
C TRP A 528 -32.39 -11.00 6.45
N ALA A 529 -32.95 -11.63 5.41
CA ALA A 529 -34.41 -11.78 5.32
C ALA A 529 -34.97 -12.96 6.11
N VAL A 530 -34.10 -13.85 6.56
CA VAL A 530 -34.54 -15.06 7.29
C VAL A 530 -34.06 -15.14 8.75
N LYS A 531 -34.87 -15.76 9.60
CA LYS A 531 -34.52 -15.95 11.02
C LYS A 531 -33.36 -16.91 11.18
N THR A 532 -33.48 -18.10 10.60
CA THR A 532 -32.42 -19.08 10.70
C THR A 532 -31.48 -18.94 9.51
N LYS A 533 -30.29 -18.43 9.78
CA LYS A 533 -29.39 -17.95 8.74
C LYS A 533 -28.47 -19.05 8.23
N LEU A 534 -27.99 -18.88 7.01
CA LEU A 534 -26.96 -19.77 6.48
C LEU A 534 -25.57 -19.25 6.86
N LYS A 535 -24.57 -20.14 6.85
CA LYS A 535 -23.21 -19.75 7.21
C LYS A 535 -22.54 -19.12 5.99
N LEU A 536 -22.12 -17.87 6.14
CA LEU A 536 -21.51 -17.13 5.05
C LEU A 536 -20.00 -17.13 5.16
N THR A 537 -19.37 -18.00 4.36
CA THR A 537 -17.91 -18.13 4.30
C THR A 537 -17.37 -17.40 3.08
N PRO A 538 -16.06 -17.05 3.07
CA PRO A 538 -15.48 -16.44 1.88
C PRO A 538 -15.87 -17.15 0.58
N ILE A 539 -16.31 -16.38 -0.40
CA ILE A 539 -16.73 -16.92 -1.70
C ILE A 539 -15.49 -17.23 -2.52
N PRO A 540 -15.34 -18.50 -2.96
CA PRO A 540 -14.19 -18.91 -3.78
C PRO A 540 -13.94 -18.00 -4.99
N ALA A 541 -15.01 -17.73 -5.75
CA ALA A 541 -14.93 -16.95 -6.99
C ALA A 541 -14.45 -15.49 -6.84
N ALA A 542 -14.61 -14.94 -5.63
CA ALA A 542 -14.21 -13.56 -5.32
C ALA A 542 -12.70 -13.35 -5.53
N SER A 543 -11.93 -14.38 -5.23
CA SER A 543 -10.46 -14.35 -5.29
C SER A 543 -9.93 -14.25 -6.73
N GLN A 544 -10.71 -14.73 -7.68
CA GLN A 544 -10.34 -14.70 -9.10
C GLN A 544 -10.79 -13.44 -9.84
N LEU A 545 -11.78 -12.74 -9.28
CA LEU A 545 -12.31 -11.51 -9.89
C LEU A 545 -11.24 -10.49 -10.23
N ASP A 546 -11.29 -9.97 -11.45
CA ASP A 546 -10.31 -9.01 -11.93
C ASP A 546 -10.85 -7.60 -11.74
N LEU A 547 -10.58 -7.05 -10.55
CA LEU A 547 -11.06 -5.72 -10.23
C LEU A 547 -9.95 -4.68 -10.35
N SER A 548 -8.94 -4.99 -11.16
CA SER A 548 -7.92 -4.02 -11.52
C SER A 548 -8.56 -3.04 -12.50
N GLY A 549 -8.28 -1.76 -12.31
CA GLY A 549 -8.94 -0.72 -13.10
C GLY A 549 -10.11 -0.08 -12.39
N TRP A 550 -10.68 -0.76 -11.40
CA TRP A 550 -11.89 -0.29 -10.72
C TRP A 550 -11.67 0.96 -9.84
N PHE A 551 -10.64 0.92 -9.00
CA PHE A 551 -10.36 1.99 -8.07
C PHE A 551 -8.95 2.47 -8.25
N VAL A 552 -8.68 2.92 -9.47
CA VAL A 552 -7.39 3.48 -9.85
C VAL A 552 -7.52 5.00 -9.97
N ALA A 553 -8.47 5.46 -10.78
CA ALA A 553 -8.66 6.90 -11.02
C ALA A 553 -10.12 7.25 -11.31
N GLY A 554 -10.40 8.55 -11.41
CA GLY A 554 -11.74 9.02 -11.77
C GLY A 554 -11.75 9.45 -13.22
N TYR A 555 -12.88 9.26 -13.91
CA TYR A 555 -12.99 9.52 -15.35
C TYR A 555 -14.32 10.18 -15.74
N SER A 556 -14.91 10.94 -14.82
CA SER A 556 -16.17 11.61 -15.10
C SER A 556 -16.15 12.51 -16.35
N GLY A 557 -17.06 12.22 -17.27
CA GLY A 557 -17.13 12.93 -18.55
C GLY A 557 -16.04 12.44 -19.48
N GLY A 558 -15.26 11.48 -19.02
CA GLY A 558 -14.04 11.07 -19.73
C GLY A 558 -14.21 10.03 -20.82
N ASP A 559 -15.44 9.57 -21.07
CA ASP A 559 -15.72 8.65 -22.20
C ASP A 559 -14.90 7.36 -22.14
N ILE A 560 -14.85 6.76 -20.95
CA ILE A 560 -14.02 5.57 -20.68
C ILE A 560 -14.86 4.32 -20.42
N TYR A 561 -14.47 3.21 -21.04
CA TYR A 561 -15.12 1.91 -20.87
C TYR A 561 -14.09 0.83 -20.53
N HIS A 562 -14.40 0.03 -19.51
CA HIS A 562 -13.48 -1.01 -19.06
C HIS A 562 -14.01 -2.45 -19.17
N SER B 1 8.97 -36.23 13.15
CA SER B 1 7.62 -35.95 12.57
C SER B 1 7.74 -35.04 11.34
N MET B 2 6.61 -34.84 10.67
CA MET B 2 6.52 -33.97 9.51
C MET B 2 6.49 -32.52 9.96
N SER B 3 7.36 -31.70 9.37
CA SER B 3 7.46 -30.28 9.70
C SER B 3 6.14 -29.54 9.55
N TYR B 4 5.36 -29.94 8.55
CA TYR B 4 4.05 -29.37 8.27
C TYR B 4 3.09 -30.44 7.78
N THR B 5 1.81 -30.28 8.11
CA THR B 5 0.74 -31.01 7.41
C THR B 5 -0.15 -29.98 6.72
N TRP B 6 -0.62 -30.31 5.52
CA TRP B 6 -1.44 -29.41 4.72
C TRP B 6 -2.82 -30.00 4.46
N THR B 7 -3.83 -29.14 4.48
CA THR B 7 -5.21 -29.51 4.16
C THR B 7 -5.51 -29.38 2.67
N GLY B 8 -4.75 -28.53 1.98
CA GLY B 8 -4.96 -28.32 0.54
C GLY B 8 -5.60 -26.99 0.22
N ALA B 9 -6.01 -26.25 1.27
CA ALA B 9 -6.43 -24.87 1.12
C ALA B 9 -5.22 -24.01 0.77
N LEU B 10 -5.45 -22.96 -0.01
CA LEU B 10 -4.36 -22.12 -0.52
C LEU B 10 -3.90 -21.08 0.49
N ILE B 11 -2.61 -20.75 0.44
CA ILE B 11 -2.09 -19.56 1.12
C ILE B 11 -2.48 -18.36 0.26
N THR B 12 -3.22 -17.44 0.87
CA THR B 12 -3.91 -16.40 0.13
C THR B 12 -3.34 -15.02 0.45
N PRO B 13 -3.29 -14.14 -0.57
CA PRO B 13 -2.84 -12.77 -0.34
C PRO B 13 -3.93 -11.96 0.37
N CYS B 14 -3.53 -10.82 0.92
CA CYS B 14 -4.48 -9.84 1.44
C CYS B 14 -4.83 -8.80 0.38
N ALA B 15 -3.84 -8.03 -0.06
CA ALA B 15 -4.02 -7.10 -1.16
C ALA B 15 -3.66 -7.78 -2.47
N ALA B 16 -3.67 -7.02 -3.57
CA ALA B 16 -3.11 -7.51 -4.83
C ALA B 16 -1.59 -7.48 -4.72
N GLU B 17 -0.94 -8.36 -5.47
CA GLU B 17 0.51 -8.49 -5.43
C GLU B 17 1.12 -8.18 -6.78
N GLU B 18 2.13 -7.31 -6.77
CA GLU B 18 2.91 -7.01 -7.97
C GLU B 18 4.09 -7.96 -8.01
N SER B 19 4.39 -8.49 -9.19
CA SER B 19 5.57 -9.33 -9.37
C SER B 19 6.54 -8.68 -10.36
N LYS B 20 5.99 -7.92 -11.30
CA LYS B 20 6.77 -7.11 -12.24
C LYS B 20 7.34 -5.90 -11.53
N LEU B 21 8.61 -5.59 -11.78
CA LEU B 21 9.22 -4.34 -11.30
C LEU B 21 8.47 -3.11 -11.82
N PRO B 22 7.88 -2.31 -10.90
CA PRO B 22 7.23 -1.06 -11.28
C PRO B 22 8.24 -0.06 -11.84
N ILE B 23 7.84 0.63 -12.90
CA ILE B 23 8.72 1.58 -13.59
C ILE B 23 8.17 3.01 -13.43
N ASN B 24 9.08 3.96 -13.21
CA ASN B 24 8.74 5.37 -13.21
C ASN B 24 9.82 6.17 -13.94
N ALA B 25 9.80 7.50 -13.84
CA ALA B 25 10.73 8.35 -14.61
C ALA B 25 12.16 8.26 -14.10
N LEU B 26 12.31 7.68 -12.91
CA LEU B 26 13.60 7.57 -12.22
C LEU B 26 14.28 6.22 -12.40
N SER B 27 13.50 5.21 -12.78
CA SER B 27 13.96 3.81 -12.92
C SER B 27 15.21 3.60 -13.78
N ASN B 28 15.17 4.12 -15.01
CA ASN B 28 16.25 3.94 -16.01
C ASN B 28 17.59 4.53 -15.58
N SER B 29 17.55 5.55 -14.72
CA SER B 29 18.78 6.14 -14.23
C SER B 29 19.52 5.17 -13.31
N LEU B 30 18.79 4.27 -12.66
CA LEU B 30 19.43 3.25 -11.84
C LEU B 30 19.71 1.93 -12.58
N LEU B 31 18.75 1.45 -13.37
CA LEU B 31 18.78 0.08 -13.91
C LEU B 31 18.00 0.00 -15.20
N ARG B 32 18.62 -0.57 -16.24
CA ARG B 32 17.96 -0.73 -17.54
C ARG B 32 17.27 -2.07 -17.72
N HIS B 33 17.80 -3.12 -17.10
CA HIS B 33 17.27 -4.46 -17.34
C HIS B 33 16.15 -4.82 -16.36
N HIS B 34 15.01 -4.15 -16.54
CA HIS B 34 13.85 -4.26 -15.65
C HIS B 34 13.32 -5.69 -15.57
N ASN B 35 13.44 -6.43 -16.66
CA ASN B 35 13.02 -7.84 -16.73
C ASN B 35 13.75 -8.80 -15.77
N MET B 36 14.92 -8.39 -15.29
CA MET B 36 15.74 -9.17 -14.34
C MET B 36 15.24 -9.12 -12.90
N VAL B 37 14.45 -8.09 -12.58
CA VAL B 37 13.96 -7.86 -11.21
C VAL B 37 12.51 -8.35 -11.08
N TYR B 38 12.23 -9.08 -10.01
CA TYR B 38 10.88 -9.58 -9.76
C TYR B 38 10.63 -9.61 -8.26
N ALA B 39 9.36 -9.65 -7.87
CA ALA B 39 8.98 -9.89 -6.49
C ALA B 39 8.21 -11.21 -6.38
N THR B 40 8.45 -11.91 -5.28
CA THR B 40 7.75 -13.16 -4.98
C THR B 40 6.31 -12.89 -4.57
N THR B 41 5.40 -13.80 -4.93
CA THR B 41 3.99 -13.66 -4.54
C THR B 41 3.43 -14.99 -4.02
N SER B 42 2.24 -14.95 -3.44
CA SER B 42 1.50 -16.16 -3.02
C SER B 42 1.29 -17.19 -4.15
N ARG B 43 1.31 -16.72 -5.39
CA ARG B 43 1.19 -17.58 -6.56
C ARG B 43 2.20 -18.73 -6.49
N SER B 44 3.37 -18.47 -5.91
CA SER B 44 4.43 -19.48 -5.75
C SER B 44 4.45 -20.21 -4.39
N ALA B 45 3.47 -19.92 -3.53
CA ALA B 45 3.42 -20.50 -2.19
C ALA B 45 3.43 -22.04 -2.18
N GLY B 46 2.72 -22.63 -3.13
CA GLY B 46 2.67 -24.08 -3.31
C GLY B 46 4.03 -24.71 -3.48
N LEU B 47 4.91 -24.05 -4.22
CA LEU B 47 6.28 -24.51 -4.41
C LEU B 47 7.07 -24.52 -3.10
N ARG B 48 6.89 -23.48 -2.29
CA ARG B 48 7.61 -23.35 -1.02
C ARG B 48 7.13 -24.39 -0.01
N GLN B 49 5.80 -24.58 0.04
CA GLN B 49 5.17 -25.62 0.86
C GLN B 49 5.89 -26.95 0.66
N LYS B 50 6.06 -27.33 -0.60
CA LYS B 50 6.77 -28.56 -0.97
C LYS B 50 8.19 -28.61 -0.38
N LYS B 51 8.95 -27.53 -0.59
CA LYS B 51 10.33 -27.43 -0.12
C LYS B 51 10.47 -27.56 1.41
N VAL B 52 9.55 -26.94 2.15
CA VAL B 52 9.65 -26.87 3.61
C VAL B 52 9.01 -28.05 4.33
N THR B 53 8.33 -28.93 3.59
CA THR B 53 7.64 -30.08 4.16
C THR B 53 8.47 -31.34 4.08
N PHE B 54 8.94 -31.81 5.24
CA PHE B 54 9.69 -33.07 5.34
C PHE B 54 9.64 -33.68 6.74
N ASP B 55 10.08 -34.93 6.85
CA ASP B 55 10.18 -35.62 8.12
C ASP B 55 11.51 -35.24 8.78
N ARG B 56 11.50 -35.06 10.09
CA ARG B 56 12.72 -34.78 10.83
C ARG B 56 12.99 -35.93 11.76
N LEU B 57 14.20 -36.45 11.66
CA LEU B 57 14.71 -37.47 12.56
C LEU B 57 15.85 -36.84 13.31
N GLN B 58 15.97 -37.17 14.60
CA GLN B 58 16.98 -36.54 15.43
C GLN B 58 17.62 -37.55 16.36
N VAL B 59 18.94 -37.54 16.40
CA VAL B 59 19.70 -38.48 17.21
C VAL B 59 20.68 -37.69 18.05
N LEU B 60 20.53 -37.82 19.36
CA LEU B 60 21.15 -36.89 20.32
C LEU B 60 22.09 -37.64 21.26
N ASP B 61 23.35 -37.25 21.22
CA ASP B 61 24.43 -37.96 21.89
C ASP B 61 25.00 -37.15 23.06
N ASP B 62 26.04 -37.68 23.69
CA ASP B 62 26.67 -37.03 24.84
C ASP B 62 27.19 -35.61 24.54
N HIS B 63 27.84 -35.42 23.40
CA HIS B 63 28.28 -34.07 23.02
C HIS B 63 27.15 -33.03 23.09
N TYR B 64 25.97 -33.41 22.56
CA TYR B 64 24.78 -32.56 22.56
C TYR B 64 24.38 -32.22 23.99
N ARG B 65 24.22 -33.25 24.83
CA ARG B 65 23.79 -33.02 26.22
C ARG B 65 24.88 -32.29 27.04
N ASP B 66 26.15 -32.60 26.77
CA ASP B 66 27.28 -31.89 27.43
C ASP B 66 27.25 -30.36 27.20
N VAL B 67 27.11 -29.97 25.94
CA VAL B 67 27.03 -28.54 25.57
C VAL B 67 25.79 -27.91 26.19
N LEU B 68 24.65 -28.59 26.06
CA LEU B 68 23.39 -28.14 26.63
C LEU B 68 23.50 -27.84 28.13
N LYS B 69 24.15 -28.74 28.88
CA LYS B 69 24.44 -28.51 30.30
C LYS B 69 25.20 -27.19 30.53
N GLU B 70 26.28 -26.99 29.77
CA GLU B 70 27.03 -25.74 29.83
C GLU B 70 26.16 -24.53 29.55
N MET B 71 25.28 -24.63 28.55
CA MET B 71 24.46 -23.49 28.18
C MET B 71 23.50 -23.15 29.31
N LYS B 72 22.92 -24.19 29.91
CA LYS B 72 21.96 -24.02 31.02
C LYS B 72 22.59 -23.37 32.29
N ALA B 73 23.82 -23.78 32.60
CA ALA B 73 24.62 -23.21 33.69
C ALA B 73 24.80 -21.70 33.49
N LYS B 74 25.13 -21.29 32.28
CA LYS B 74 25.23 -19.86 31.97
C LYS B 74 23.88 -19.16 32.01
N ALA B 75 22.83 -19.83 31.51
CA ALA B 75 21.49 -19.25 31.51
C ALA B 75 20.99 -19.01 32.93
N SER B 76 21.46 -19.84 33.86
CA SER B 76 21.02 -19.78 35.24
CA SER B 76 21.07 -19.80 35.26
C SER B 76 21.48 -18.50 35.94
N THR B 77 22.43 -17.78 35.34
CA THR B 77 22.91 -16.49 35.87
C THR B 77 22.07 -15.28 35.43
N VAL B 78 21.19 -15.48 34.44
CA VAL B 78 20.41 -14.40 33.86
C VAL B 78 19.20 -14.12 34.73
N LYS B 79 18.99 -12.85 35.05
CA LYS B 79 17.77 -12.40 35.73
C LYS B 79 16.97 -11.56 34.74
N ALA B 80 15.72 -11.94 34.51
CA ALA B 80 14.89 -11.24 33.54
C ALA B 80 13.58 -10.77 34.17
N LYS B 81 13.06 -9.66 33.67
CA LYS B 81 11.82 -9.09 34.23
C LYS B 81 10.67 -9.18 33.24
N LEU B 82 9.45 -9.29 33.78
CA LEU B 82 8.25 -9.04 33.00
C LEU B 82 8.22 -7.58 32.53
N LEU B 83 7.74 -7.38 31.31
CA LEU B 83 7.40 -6.05 30.85
C LEU B 83 5.98 -5.75 31.26
N SER B 84 5.69 -4.48 31.52
CA SER B 84 4.31 -4.06 31.76
C SER B 84 3.59 -4.03 30.41
N VAL B 85 2.25 -4.10 30.44
CA VAL B 85 1.47 -3.92 29.21
C VAL B 85 1.94 -2.67 28.45
N GLU B 86 2.11 -1.58 29.19
CA GLU B 86 2.55 -0.30 28.64
C GLU B 86 3.87 -0.42 27.88
N GLU B 87 4.88 -1.00 28.52
CA GLU B 87 6.19 -1.19 27.89
C GLU B 87 6.12 -2.03 26.63
N ALA B 88 5.34 -3.11 26.71
CA ALA B 88 5.17 -4.05 25.60
C ALA B 88 4.45 -3.38 24.44
N CYS B 89 3.44 -2.56 24.77
CA CYS B 89 2.70 -1.78 23.80
C CYS B 89 3.60 -0.81 23.04
N LYS B 90 4.52 -0.15 23.75
CA LYS B 90 5.42 0.81 23.10
C LYS B 90 6.47 0.13 22.21
N LEU B 91 6.64 -1.18 22.38
CA LEU B 91 7.54 -1.94 21.52
C LEU B 91 6.89 -2.41 20.21
N THR B 92 5.61 -2.13 20.03
CA THR B 92 4.85 -2.57 18.84
C THR B 92 4.99 -1.57 17.69
N PRO B 93 5.43 -2.03 16.50
CA PRO B 93 5.51 -1.15 15.32
C PRO B 93 4.17 -0.51 14.98
N PRO B 94 4.17 0.79 14.61
CA PRO B 94 2.94 1.52 14.27
C PRO B 94 2.08 0.83 13.22
N HIS B 95 2.70 0.08 12.32
CA HIS B 95 1.99 -0.58 11.21
C HIS B 95 1.90 -2.13 11.31
N SER B 96 2.14 -2.66 12.50
CA SER B 96 2.00 -4.10 12.78
C SER B 96 0.58 -4.57 12.42
N ALA B 97 0.47 -5.78 11.89
CA ALA B 97 -0.84 -6.36 11.54
C ALA B 97 -1.85 -6.20 12.68
N LYS B 98 -3.03 -5.68 12.35
CA LYS B 98 -4.08 -5.43 13.35
C LYS B 98 -4.63 -6.73 13.92
N SER B 99 -5.32 -6.61 15.05
CA SER B 99 -5.91 -7.78 15.73
C SER B 99 -7.20 -8.27 15.05
N LYS B 100 -7.52 -9.55 15.22
CA LYS B 100 -8.85 -10.10 14.89
C LYS B 100 -9.92 -9.57 15.83
N PHE B 101 -9.49 -9.02 16.97
CA PHE B 101 -10.42 -8.72 18.06
C PHE B 101 -10.71 -7.23 18.22
N GLY B 102 -10.73 -6.51 17.10
CA GLY B 102 -11.30 -5.16 17.07
C GLY B 102 -10.39 -3.99 17.41
N TYR B 103 -9.08 -4.15 17.20
CA TYR B 103 -8.15 -3.05 17.42
C TYR B 103 -6.90 -3.23 16.57
N GLY B 104 -6.15 -2.13 16.38
CA GLY B 104 -4.93 -2.18 15.59
C GLY B 104 -3.70 -1.75 16.37
N ALA B 105 -2.59 -1.66 15.64
CA ALA B 105 -1.29 -1.28 16.20
C ALA B 105 -1.26 0.10 16.84
N LYS B 106 -1.92 1.07 16.19
CA LYS B 106 -2.09 2.42 16.74
C LYS B 106 -2.83 2.39 18.08
N ASP B 107 -3.88 1.59 18.18
CA ASP B 107 -4.64 1.44 19.42
C ASP B 107 -3.77 0.85 20.54
N VAL B 108 -2.88 -0.06 20.18
CA VAL B 108 -1.93 -0.64 21.14
C VAL B 108 -0.98 0.44 21.63
N ARG B 109 -0.36 1.16 20.71
CA ARG B 109 0.59 2.21 21.04
C ARG B 109 -0.08 3.32 21.85
N ASN B 110 -1.35 3.59 21.55
CA ASN B 110 -2.14 4.60 22.27
C ASN B 110 -2.70 4.09 23.59
N LEU B 111 -2.47 2.81 23.88
CA LEU B 111 -2.99 2.19 25.10
C LEU B 111 -4.51 2.36 25.23
N SER B 112 -5.22 2.20 24.12
CA SER B 112 -6.69 2.29 24.14
C SER B 112 -7.26 1.20 25.04
N SER B 113 -8.34 1.54 25.76
CA SER B 113 -8.99 0.61 26.68
CA SER B 113 -8.98 0.61 26.68
C SER B 113 -9.28 -0.76 26.04
N LYS B 114 -9.79 -0.75 24.82
CA LYS B 114 -10.15 -1.98 24.14
C LYS B 114 -8.92 -2.85 23.82
N ALA B 115 -7.81 -2.21 23.47
CA ALA B 115 -6.54 -2.89 23.23
C ALA B 115 -5.98 -3.50 24.51
N VAL B 116 -5.80 -2.65 25.52
CA VAL B 116 -5.24 -3.03 26.81
C VAL B 116 -6.09 -4.10 27.53
N ASN B 117 -7.41 -3.92 27.50
CA ASN B 117 -8.33 -4.92 28.07
C ASN B 117 -8.22 -6.29 27.39
N HIS B 118 -8.17 -6.31 26.06
CA HIS B 118 -8.00 -7.58 25.35
C HIS B 118 -6.66 -8.22 25.67
N ILE B 119 -5.59 -7.42 25.67
CA ILE B 119 -4.25 -7.91 26.03
C ILE B 119 -4.23 -8.56 27.42
N HIS B 120 -4.88 -7.93 28.40
CA HIS B 120 -5.04 -8.50 29.74
C HIS B 120 -5.73 -9.85 29.70
N SER B 121 -6.74 -9.98 28.86
CA SER B 121 -7.52 -11.22 28.77
C SER B 121 -6.69 -12.33 28.11
N VAL B 122 -5.86 -11.95 27.14
CA VAL B 122 -4.97 -12.93 26.50
C VAL B 122 -3.96 -13.44 27.54
N TRP B 123 -3.46 -12.53 28.37
CA TRP B 123 -2.46 -12.85 29.38
C TRP B 123 -3.02 -13.79 30.43
N LYS B 124 -4.19 -13.44 30.97
CA LYS B 124 -4.91 -14.30 31.91
C LYS B 124 -5.10 -15.73 31.34
N ASP B 125 -5.54 -15.81 30.08
CA ASP B 125 -5.70 -17.08 29.39
C ASP B 125 -4.40 -17.84 29.24
N LEU B 126 -3.30 -17.12 29.02
CA LEU B 126 -1.98 -17.75 28.92
C LEU B 126 -1.59 -18.39 30.24
N LEU B 127 -1.88 -17.70 31.34
CA LEU B 127 -1.55 -18.23 32.66
C LEU B 127 -2.44 -19.42 33.04
N GLU B 128 -3.71 -19.36 32.63
CA GLU B 128 -4.73 -20.38 32.98
C GLU B 128 -4.59 -21.66 32.19
N ASP B 129 -4.24 -21.52 30.92
CA ASP B 129 -4.34 -22.60 29.94
C ASP B 129 -2.97 -22.85 29.34
N THR B 130 -2.41 -24.04 29.57
CA THR B 130 -1.08 -24.41 29.05
C THR B 130 -1.14 -25.49 27.97
N VAL B 131 -2.31 -25.71 27.36
CA VAL B 131 -2.49 -26.83 26.41
C VAL B 131 -3.08 -26.46 25.03
N THR B 132 -3.98 -25.47 24.99
CA THR B 132 -4.76 -25.21 23.77
C THR B 132 -3.93 -24.51 22.68
N PRO B 133 -3.71 -25.20 21.54
CA PRO B 133 -2.92 -24.57 20.49
C PRO B 133 -3.48 -23.20 20.10
N ILE B 134 -2.57 -22.25 19.92
CA ILE B 134 -2.92 -20.87 19.58
C ILE B 134 -2.93 -20.73 18.06
N ASP B 135 -3.93 -20.00 17.56
CA ASP B 135 -4.07 -19.76 16.13
C ASP B 135 -2.92 -18.93 15.55
N THR B 136 -2.47 -19.30 14.34
CA THR B 136 -1.53 -18.49 13.61
C THR B 136 -2.08 -18.19 12.21
N THR B 137 -1.59 -17.11 11.62
CA THR B 137 -1.81 -16.81 10.21
C THR B 137 -0.55 -17.16 9.42
N ILE B 138 -0.75 -17.79 8.27
CA ILE B 138 0.34 -18.07 7.34
C ILE B 138 0.16 -17.20 6.09
N MET B 139 1.21 -16.45 5.74
CA MET B 139 1.22 -15.56 4.56
C MET B 139 2.46 -15.82 3.73
N ALA B 140 2.38 -15.56 2.43
CA ALA B 140 3.54 -15.62 1.56
C ALA B 140 4.19 -14.24 1.54
N LYS B 141 5.49 -14.17 1.80
CA LYS B 141 6.23 -12.90 1.76
C LYS B 141 6.42 -12.38 0.33
N ASN B 142 6.35 -11.06 0.19
CA ASN B 142 6.68 -10.43 -1.08
C ASN B 142 8.05 -9.80 -0.93
N GLU B 143 9.04 -10.43 -1.55
CA GLU B 143 10.40 -9.93 -1.50
C GLU B 143 10.95 -9.90 -2.90
N VAL B 144 11.87 -8.96 -3.12
CA VAL B 144 12.40 -8.63 -4.44
C VAL B 144 13.76 -9.30 -4.67
N PHE B 145 13.90 -9.87 -5.86
CA PHE B 145 15.15 -10.50 -6.22
C PHE B 145 15.51 -10.20 -7.66
N CYS B 146 16.73 -10.57 -8.02
CA CYS B 146 17.16 -10.63 -9.40
C CYS B 146 17.15 -12.10 -9.80
N VAL B 147 16.70 -12.40 -11.01
CA VAL B 147 16.69 -13.78 -11.52
C VAL B 147 18.10 -14.39 -11.43
N GLN B 148 18.17 -15.70 -11.16
CA GLN B 148 19.47 -16.38 -11.03
C GLN B 148 19.57 -17.61 -11.93
N ARG B 154 13.55 -18.39 -10.69
CA ARG B 154 12.91 -17.62 -9.63
C ARG B 154 12.81 -18.39 -8.30
N LYS B 155 12.91 -17.66 -7.20
CA LYS B 155 12.73 -18.24 -5.87
C LYS B 155 11.25 -18.18 -5.53
N PRO B 156 10.71 -19.26 -4.93
CA PRO B 156 9.33 -19.18 -4.43
C PRO B 156 9.27 -18.30 -3.19
N ALA B 157 8.12 -17.67 -2.99
CA ALA B 157 7.87 -16.85 -1.79
C ALA B 157 8.21 -17.62 -0.51
N ARG B 158 8.90 -16.96 0.40
CA ARG B 158 9.06 -17.46 1.77
C ARG B 158 7.73 -17.33 2.47
N LEU B 159 7.50 -18.20 3.45
CA LEU B 159 6.26 -18.17 4.22
C LEU B 159 6.48 -17.53 5.59
N ILE B 160 5.54 -16.70 6.03
CA ILE B 160 5.56 -16.14 7.38
C ILE B 160 4.38 -16.70 8.18
N VAL B 161 4.65 -17.08 9.42
CA VAL B 161 3.65 -17.68 10.30
C VAL B 161 3.68 -16.83 11.56
N PHE B 162 2.53 -16.29 11.95
CA PHE B 162 2.48 -15.37 13.08
C PHE B 162 1.14 -15.40 13.84
N PRO B 163 1.18 -15.21 15.18
CA PRO B 163 -0.06 -15.17 15.97
C PRO B 163 -0.66 -13.77 15.99
N ASP B 164 -1.88 -13.66 16.53
CA ASP B 164 -2.59 -12.38 16.61
C ASP B 164 -1.87 -11.33 17.45
N LEU B 165 -2.13 -10.07 17.11
CA LEU B 165 -1.53 -8.91 17.78
C LEU B 165 -1.52 -9.00 19.32
N GLY B 166 -2.61 -9.48 19.91
CA GLY B 166 -2.73 -9.59 21.36
C GLY B 166 -1.71 -10.55 21.97
N VAL B 167 -1.55 -11.70 21.32
CA VAL B 167 -0.53 -12.69 21.68
C VAL B 167 0.88 -12.09 21.55
N ARG B 168 1.10 -11.33 20.47
CA ARG B 168 2.41 -10.70 20.22
C ARG B 168 2.79 -9.75 21.33
N VAL B 169 1.81 -8.99 21.84
CA VAL B 169 2.09 -8.07 22.94
C VAL B 169 2.45 -8.90 24.16
N CYS B 170 1.75 -10.01 24.36
CA CYS B 170 1.98 -10.91 25.50
C CYS B 170 3.35 -11.59 25.46
N GLU B 171 3.79 -12.02 24.27
CA GLU B 171 5.15 -12.53 24.12
C GLU B 171 6.18 -11.51 24.59
N LYS B 172 6.04 -10.25 24.19
CA LYS B 172 6.92 -9.19 24.68
C LYS B 172 6.95 -9.12 26.21
N MET B 173 5.78 -9.19 26.85
CA MET B 173 5.71 -9.13 28.31
C MET B 173 6.50 -10.28 28.93
N ALA B 174 6.29 -11.49 28.42
CA ALA B 174 6.95 -12.69 28.95
C ALA B 174 8.45 -12.80 28.64
N LEU B 175 8.85 -12.40 27.43
CA LEU B 175 10.11 -12.85 26.87
C LEU B 175 11.08 -11.82 26.30
N TYR B 176 10.62 -10.58 26.14
CA TYR B 176 11.43 -9.55 25.52
C TYR B 176 12.79 -9.40 26.22
N ASP B 177 12.75 -9.27 27.54
CA ASP B 177 13.97 -9.19 28.33
C ASP B 177 14.83 -10.46 28.19
N VAL B 178 14.20 -11.63 28.17
CA VAL B 178 14.93 -12.88 28.01
C VAL B 178 15.66 -12.93 26.66
N VAL B 179 14.92 -12.73 25.56
CA VAL B 179 15.51 -12.83 24.23
C VAL B 179 16.53 -11.71 23.96
N SER B 180 16.44 -10.63 24.73
CA SER B 180 17.36 -9.50 24.62
C SER B 180 18.67 -9.74 25.35
N THR B 181 18.64 -10.56 26.40
CA THR B 181 19.75 -10.62 27.36
C THR B 181 20.40 -11.99 27.38
N LEU B 182 19.56 -13.02 27.30
CA LEU B 182 20.02 -14.38 27.53
C LEU B 182 21.13 -14.81 26.56
N PRO B 183 20.97 -14.50 25.25
CA PRO B 183 21.90 -15.11 24.28
C PRO B 183 23.37 -14.71 24.44
N GLN B 184 23.63 -13.44 24.75
CA GLN B 184 25.01 -13.01 24.95
C GLN B 184 25.65 -13.66 26.19
N VAL B 185 24.86 -13.84 27.24
CA VAL B 185 25.32 -14.54 28.45
C VAL B 185 25.69 -16.00 28.13
N VAL B 186 24.82 -16.67 27.38
CA VAL B 186 24.97 -18.10 27.09
C VAL B 186 26.08 -18.35 26.06
N MET B 187 26.17 -17.47 25.06
CA MET B 187 27.10 -17.69 23.94
C MET B 187 28.32 -16.78 23.91
N GLY B 188 28.34 -15.76 24.78
CA GLY B 188 29.47 -14.81 24.87
C GLY B 188 29.80 -14.14 23.54
N SER B 189 31.09 -14.02 23.25
CA SER B 189 31.55 -13.42 21.99
C SER B 189 31.03 -14.14 20.72
N SER B 190 30.48 -15.34 20.89
CA SER B 190 29.90 -16.10 19.75
C SER B 190 28.53 -15.55 19.27
N TYR B 191 27.85 -14.76 20.10
CA TYR B 191 26.55 -14.22 19.73
C TYR B 191 26.72 -13.04 18.79
N GLY B 192 26.31 -13.21 17.54
CA GLY B 192 26.56 -12.23 16.49
C GLY B 192 25.81 -10.91 16.55
N PHE B 193 24.63 -10.92 17.15
CA PHE B 193 23.75 -9.75 17.08
C PHE B 193 24.16 -8.64 18.04
N GLN B 194 25.15 -8.92 18.88
CA GLN B 194 25.75 -7.94 19.78
C GLN B 194 26.70 -6.97 19.06
N TYR B 195 27.04 -7.27 17.80
CA TYR B 195 28.06 -6.53 17.10
C TYR B 195 27.50 -5.52 16.12
N SER B 196 28.03 -4.30 16.15
CA SER B 196 27.86 -3.34 15.06
C SER B 196 28.68 -3.90 13.89
N PRO B 197 28.55 -3.32 12.68
CA PRO B 197 29.41 -3.84 11.59
C PRO B 197 30.92 -3.72 11.87
N GLY B 198 31.34 -2.61 12.47
CA GLY B 198 32.74 -2.41 12.84
C GLY B 198 33.26 -3.45 13.82
N GLN B 199 32.44 -3.73 14.83
CA GLN B 199 32.74 -4.75 15.84
C GLN B 199 32.77 -6.15 15.25
N ARG B 200 31.91 -6.41 14.28
CA ARG B 200 31.81 -7.74 13.65
C ARG B 200 33.02 -8.07 12.78
N VAL B 201 33.47 -7.12 11.96
CA VAL B 201 34.66 -7.32 11.12
C VAL B 201 35.89 -7.47 12.01
N GLU B 202 35.94 -6.69 13.08
CA GLU B 202 37.05 -6.74 14.02
C GLU B 202 37.15 -8.13 14.66
N PHE B 203 36.01 -8.64 15.12
CA PHE B 203 35.93 -9.97 15.72
C PHE B 203 36.35 -11.05 14.72
N LEU B 204 35.86 -10.98 13.49
CA LEU B 204 36.26 -11.98 12.47
C LEU B 204 37.76 -11.94 12.16
N VAL B 205 38.28 -10.74 11.87
CA VAL B 205 39.70 -10.55 11.57
C VAL B 205 40.57 -10.98 12.75
N ASN B 206 40.24 -10.51 13.96
CA ASN B 206 40.98 -10.89 15.16
C ASN B 206 40.98 -12.41 15.37
N THR B 207 39.81 -13.02 15.18
CA THR B 207 39.66 -14.47 15.33
C THR B 207 40.48 -15.22 14.28
N TRP B 208 40.47 -14.71 13.05
CA TRP B 208 41.26 -15.29 11.98
C TRP B 208 42.76 -15.23 12.32
N LYS B 209 43.20 -14.09 12.82
CA LYS B 209 44.61 -13.85 13.14
C LYS B 209 45.06 -14.58 14.41
N SER B 210 44.10 -15.04 15.20
CA SER B 210 44.38 -15.76 16.44
C SER B 210 44.76 -17.23 16.21
N LYS B 211 44.66 -17.68 14.96
CA LYS B 211 44.98 -19.06 14.60
C LYS B 211 46.35 -19.11 13.89
N LYS B 212 47.13 -20.14 14.22
CA LYS B 212 48.41 -20.39 13.55
C LYS B 212 48.22 -20.61 12.05
N ASN B 213 47.38 -21.58 11.69
CA ASN B 213 47.02 -21.82 10.30
C ASN B 213 45.49 -21.82 10.16
N PRO B 214 44.89 -20.63 9.96
CA PRO B 214 43.43 -20.49 10.05
C PRO B 214 42.69 -21.19 8.93
N MET B 215 41.65 -21.92 9.31
CA MET B 215 40.70 -22.44 8.35
C MET B 215 39.31 -22.06 8.85
N GLY B 216 38.46 -21.67 7.91
CA GLY B 216 37.09 -21.30 8.24
C GLY B 216 36.09 -21.81 7.24
N PHE B 217 34.82 -21.83 7.67
CA PHE B 217 33.72 -22.22 6.81
C PHE B 217 32.38 -21.70 7.32
N SER B 218 31.48 -21.44 6.38
CA SER B 218 30.10 -21.13 6.72
C SER B 218 29.30 -22.41 6.62
N TYR B 219 28.24 -22.53 7.41
CA TYR B 219 27.41 -23.74 7.32
C TYR B 219 25.98 -23.32 6.99
N ASP B 220 25.53 -23.72 5.81
CA ASP B 220 24.16 -23.40 5.40
C ASP B 220 23.23 -24.58 5.66
N THR B 221 22.38 -24.47 6.68
CA THR B 221 21.34 -25.48 6.93
C THR B 221 20.23 -25.30 5.92
N ARG B 222 19.75 -26.40 5.36
CA ARG B 222 18.64 -26.34 4.43
C ARG B 222 17.35 -26.10 5.21
N CYS B 223 16.68 -24.99 4.91
CA CYS B 223 15.38 -24.66 5.53
CA CYS B 223 15.40 -24.64 5.52
C CYS B 223 15.44 -24.80 7.04
N PHE B 224 16.32 -24.02 7.67
CA PHE B 224 16.55 -24.15 9.11
C PHE B 224 15.27 -24.21 9.93
N ASP B 225 14.31 -23.34 9.65
CA ASP B 225 13.10 -23.28 10.49
C ASP B 225 12.34 -24.59 10.47
N SER B 226 12.34 -25.25 9.31
CA SER B 226 11.71 -26.55 9.16
C SER B 226 12.47 -27.67 9.87
N THR B 227 13.76 -27.47 10.12
CA THR B 227 14.57 -28.52 10.75
C THR B 227 14.40 -28.54 12.25
N VAL B 228 13.87 -27.44 12.78
CA VAL B 228 13.67 -27.28 14.22
C VAL B 228 12.52 -28.18 14.66
N THR B 229 12.83 -29.10 15.57
CA THR B 229 11.89 -30.11 16.02
C THR B 229 11.19 -29.68 17.31
N GLU B 230 10.23 -30.47 17.75
CA GLU B 230 9.60 -30.27 19.06
C GLU B 230 10.63 -30.37 20.20
N ASN B 231 11.54 -31.34 20.11
CA ASN B 231 12.63 -31.48 21.07
C ASN B 231 13.42 -30.17 21.19
N ASP B 232 13.76 -29.57 20.06
CA ASP B 232 14.58 -28.34 20.05
C ASP B 232 13.87 -27.19 20.78
N ILE B 233 12.57 -27.07 20.52
CA ILE B 233 11.77 -25.97 21.06
C ILE B 233 11.52 -26.16 22.56
N ARG B 234 11.43 -27.41 23.00
CA ARG B 234 11.32 -27.73 24.43
C ARG B 234 12.65 -27.49 25.16
N VAL B 235 13.74 -27.83 24.49
CA VAL B 235 15.08 -27.63 25.03
C VAL B 235 15.36 -26.14 25.18
N GLU B 236 15.00 -25.37 24.15
CA GLU B 236 15.00 -23.92 24.15
C GLU B 236 14.26 -23.36 25.38
N GLU B 237 13.04 -23.83 25.62
CA GLU B 237 12.28 -23.45 26.83
C GLU B 237 12.99 -23.81 28.14
N SER B 238 13.60 -24.99 28.19
CA SER B 238 14.34 -25.39 29.42
C SER B 238 15.50 -24.45 29.70
N ILE B 239 16.02 -23.83 28.65
CA ILE B 239 17.09 -22.85 28.79
C ILE B 239 16.51 -21.52 29.33
N TYR B 240 15.39 -21.08 28.75
CA TYR B 240 14.68 -19.89 29.24
C TYR B 240 14.36 -20.03 30.73
N GLN B 241 13.85 -21.21 31.08
CA GLN B 241 13.45 -21.53 32.45
C GLN B 241 14.60 -21.59 33.47
N CYS B 242 15.84 -21.66 32.99
CA CYS B 242 16.99 -21.54 33.87
C CYS B 242 17.11 -20.14 34.47
N CYS B 243 16.61 -19.13 33.77
CA CYS B 243 16.69 -17.74 34.23
C CYS B 243 15.98 -17.58 35.56
N ASP B 244 16.40 -16.57 36.31
CA ASP B 244 15.67 -16.06 37.47
C ASP B 244 14.52 -15.24 36.90
N LEU B 245 13.30 -15.78 37.02
CA LEU B 245 12.10 -15.16 36.47
C LEU B 245 11.01 -15.08 37.54
N ALA B 246 10.13 -14.09 37.40
CA ALA B 246 8.91 -14.05 38.19
C ALA B 246 8.06 -15.27 37.83
N PRO B 247 7.37 -15.88 38.81
CA PRO B 247 6.58 -17.10 38.55
C PRO B 247 5.57 -16.92 37.43
N GLU B 248 4.99 -15.72 37.32
CA GLU B 248 4.09 -15.36 36.20
C GLU B 248 4.79 -15.50 34.84
N ALA B 249 6.02 -15.01 34.75
CA ALA B 249 6.86 -15.19 33.55
C ALA B 249 7.03 -16.66 33.21
N ARG B 250 7.38 -17.48 34.22
CA ARG B 250 7.55 -18.93 34.06
C ARG B 250 6.33 -19.62 33.44
N GLN B 251 5.15 -19.32 33.96
CA GLN B 251 3.93 -19.95 33.47
C GLN B 251 3.59 -19.46 32.06
N ALA B 252 3.82 -18.19 31.78
CA ALA B 252 3.52 -17.64 30.44
C ALA B 252 4.45 -18.24 29.38
N ILE B 253 5.70 -18.50 29.79
CA ILE B 253 6.72 -19.03 28.88
C ILE B 253 6.42 -20.50 28.55
N LYS B 254 6.05 -21.28 29.56
CA LYS B 254 5.62 -22.67 29.35
C LYS B 254 4.40 -22.74 28.43
N SER B 255 3.41 -21.89 28.72
CA SER B 255 2.19 -21.84 27.94
C SER B 255 2.46 -21.45 26.49
N LEU B 256 3.29 -20.43 26.30
CA LEU B 256 3.62 -19.98 24.95
C LEU B 256 4.40 -21.08 24.22
N THR B 257 5.25 -21.79 24.95
CA THR B 257 5.97 -22.93 24.36
C THR B 257 5.03 -24.05 23.94
N GLU B 258 4.16 -24.50 24.86
CA GLU B 258 3.23 -25.59 24.57
C GLU B 258 2.19 -25.25 23.49
N ARG B 259 1.68 -24.02 23.53
CA ARG B 259 0.52 -23.59 22.72
C ARG B 259 0.89 -22.89 21.40
N LEU B 260 2.06 -22.27 21.36
CA LEU B 260 2.47 -21.50 20.17
C LEU B 260 3.79 -21.97 19.55
N TYR B 261 4.86 -22.02 20.35
CA TYR B 261 6.18 -22.20 19.76
C TYR B 261 6.42 -23.59 19.13
N ILE B 262 5.94 -24.63 19.82
CA ILE B 262 6.09 -26.02 19.38
C ILE B 262 5.32 -26.33 18.08
N GLY B 263 4.23 -25.60 17.83
CA GLY B 263 3.37 -25.86 16.69
C GLY B 263 1.98 -25.34 16.91
N GLY B 264 1.12 -25.51 15.90
CA GLY B 264 -0.25 -25.01 15.94
C GLY B 264 -0.89 -25.01 14.57
N PRO B 265 -2.20 -24.74 14.54
CA PRO B 265 -2.94 -24.65 13.27
C PRO B 265 -2.53 -23.43 12.44
N LEU B 266 -2.54 -23.62 11.13
CA LEU B 266 -2.23 -22.57 10.16
C LEU B 266 -3.51 -22.11 9.46
N THR B 267 -3.80 -20.81 9.58
CA THR B 267 -5.00 -20.18 9.03
C THR B 267 -4.61 -19.14 7.98
N ASN B 268 -5.29 -19.13 6.84
CA ASN B 268 -4.98 -18.14 5.80
C ASN B 268 -5.68 -16.82 5.99
N SER B 269 -5.36 -15.84 5.14
CA SER B 269 -5.91 -14.49 5.24
C SER B 269 -7.44 -14.45 5.12
N LYS B 270 -7.99 -15.50 4.52
CA LYS B 270 -9.45 -15.65 4.33
C LYS B 270 -10.06 -16.50 5.44
N GLY B 271 -9.30 -16.68 6.52
CA GLY B 271 -9.76 -17.42 7.69
C GLY B 271 -9.97 -18.92 7.50
N GLN B 272 -9.39 -19.48 6.44
CA GLN B 272 -9.52 -20.91 6.18
C GLN B 272 -8.35 -21.69 6.77
N ASN B 273 -8.61 -22.93 7.19
CA ASN B 273 -7.57 -23.78 7.74
C ASN B 273 -6.66 -24.37 6.65
N CYS B 274 -5.38 -23.97 6.68
CA CYS B 274 -4.38 -24.47 5.74
C CYS B 274 -3.64 -25.72 6.18
N GLY B 275 -3.61 -25.98 7.48
CA GLY B 275 -2.94 -27.18 7.99
C GLY B 275 -2.31 -27.03 9.37
N TYR B 276 -1.18 -27.68 9.58
CA TYR B 276 -0.58 -27.72 10.92
C TYR B 276 0.92 -27.66 10.86
N ARG B 277 1.50 -26.86 11.76
CA ARG B 277 2.97 -26.68 11.85
C ARG B 277 3.54 -27.45 13.06
N ARG B 278 4.66 -28.15 12.85
CA ARG B 278 5.42 -28.82 13.94
C ARG B 278 6.90 -28.39 13.97
N CYS B 279 7.14 -27.16 13.52
CA CYS B 279 8.49 -26.59 13.48
C CYS B 279 8.46 -25.13 13.91
N ARG B 280 9.59 -24.46 13.78
CA ARG B 280 9.70 -23.02 14.05
C ARG B 280 8.74 -22.16 13.23
N ALA B 281 7.98 -21.30 13.92
CA ALA B 281 7.25 -20.21 13.27
C ALA B 281 8.25 -19.10 13.02
N SER B 282 8.18 -18.51 11.83
CA SER B 282 9.06 -17.40 11.46
C SER B 282 8.67 -16.09 12.15
N GLY B 283 7.40 -15.97 12.52
CA GLY B 283 6.87 -14.70 13.04
C GLY B 283 6.51 -14.67 14.50
N VAL B 284 7.41 -15.17 15.34
CA VAL B 284 7.25 -15.05 16.79
C VAL B 284 8.48 -14.37 17.39
N LEU B 285 8.33 -13.84 18.61
CA LEU B 285 9.39 -13.11 19.27
C LEU B 285 10.67 -13.93 19.47
N THR B 286 10.50 -15.20 19.79
CA THR B 286 11.61 -16.09 20.13
C THR B 286 12.30 -16.71 18.89
N THR B 287 11.89 -16.35 17.68
CA THR B 287 12.46 -16.92 16.42
C THR B 287 13.98 -16.76 16.32
N SER B 288 14.46 -15.53 16.51
CA SER B 288 15.89 -15.23 16.40
C SER B 288 16.70 -15.87 17.51
N CYS B 289 16.31 -15.61 18.77
CA CYS B 289 16.96 -16.20 19.93
C CYS B 289 16.91 -17.73 19.94
N GLY B 290 15.79 -18.29 19.53
CA GLY B 290 15.60 -19.74 19.54
C GLY B 290 16.44 -20.39 18.46
N ASN B 291 16.46 -19.79 17.29
CA ASN B 291 17.32 -20.27 16.21
C ASN B 291 18.81 -20.17 16.55
N THR B 292 19.20 -19.06 17.19
CA THR B 292 20.61 -18.84 17.58
C THR B 292 21.07 -19.91 18.60
N LEU B 293 20.25 -20.12 19.63
CA LEU B 293 20.59 -21.11 20.66
C LEU B 293 20.67 -22.51 20.09
N THR B 294 19.72 -22.85 19.22
CA THR B 294 19.59 -24.19 18.67
C THR B 294 20.74 -24.46 17.67
N CYS B 295 21.01 -23.47 16.83
CA CYS B 295 22.16 -23.49 15.93
C CYS B 295 23.48 -23.62 16.69
N TYR B 296 23.66 -22.81 17.72
CA TYR B 296 24.87 -22.83 18.56
C TYR B 296 25.07 -24.14 19.31
N LEU B 297 23.97 -24.72 19.80
CA LEU B 297 24.04 -25.99 20.51
C LEU B 297 24.45 -27.10 19.55
N LYS B 298 23.73 -27.18 18.42
CA LYS B 298 23.99 -28.22 17.41
C LYS B 298 25.42 -28.10 16.85
N ALA B 299 25.81 -26.91 16.40
CA ALA B 299 27.18 -26.63 15.91
C ALA B 299 28.29 -26.87 16.95
N SER B 300 28.07 -26.45 18.20
CA SER B 300 29.03 -26.70 19.28
C SER B 300 29.29 -28.18 19.50
N ALA B 301 28.22 -28.97 19.60
CA ALA B 301 28.37 -30.42 19.80
C ALA B 301 28.98 -31.09 18.55
N ALA B 302 28.68 -30.54 17.38
CA ALA B 302 29.22 -31.08 16.12
C ALA B 302 30.70 -30.75 15.97
N CYS B 303 31.13 -29.61 16.53
CA CYS B 303 32.55 -29.26 16.59
C CYS B 303 33.32 -30.26 17.44
N ARG B 304 32.70 -30.68 18.55
CA ARG B 304 33.30 -31.70 19.42
C ARG B 304 33.36 -33.05 18.71
N ALA B 305 32.28 -33.42 18.04
CA ALA B 305 32.21 -34.69 17.32
C ALA B 305 33.32 -34.75 16.27
N ALA B 306 33.52 -33.62 15.58
CA ALA B 306 34.48 -33.52 14.49
C ALA B 306 35.93 -33.38 14.97
N LYS B 307 36.10 -33.10 16.26
CA LYS B 307 37.42 -32.86 16.87
C LYS B 307 38.14 -31.67 16.21
N LEU B 308 37.39 -30.63 15.84
CA LEU B 308 38.00 -29.42 15.31
C LEU B 308 38.81 -28.75 16.43
N GLN B 309 39.98 -28.25 16.09
CA GLN B 309 40.87 -27.67 17.10
C GLN B 309 40.81 -26.13 17.12
N ASP B 310 40.76 -25.59 18.34
CA ASP B 310 40.63 -24.15 18.60
C ASP B 310 39.47 -23.53 17.80
N CYS B 311 38.28 -24.10 17.99
CA CYS B 311 37.04 -23.63 17.38
C CYS B 311 36.63 -22.27 17.87
N THR B 312 36.21 -21.43 16.93
CA THR B 312 35.53 -20.18 17.29
C THR B 312 34.33 -20.07 16.37
N MET B 313 33.17 -19.89 16.97
CA MET B 313 31.94 -19.78 16.21
C MET B 313 31.35 -18.39 16.31
N LEU B 314 30.66 -18.01 15.22
CA LEU B 314 29.90 -16.78 15.17
C LEU B 314 28.52 -17.12 14.62
N VAL B 315 27.51 -16.90 15.44
CA VAL B 315 26.17 -17.38 15.15
C VAL B 315 25.16 -16.25 15.21
N ASN B 316 24.41 -16.08 14.13
CA ASN B 316 23.32 -15.12 14.05
C ASN B 316 22.08 -15.88 13.61
N GLY B 317 21.22 -16.27 14.54
CA GLY B 317 20.07 -17.13 14.20
C GLY B 317 20.52 -18.42 13.51
N ASP B 318 20.01 -18.66 12.31
CA ASP B 318 20.41 -19.84 11.51
C ASP B 318 21.72 -19.66 10.75
N ASP B 319 22.34 -18.48 10.91
CA ASP B 319 23.55 -18.15 10.17
C ASP B 319 24.78 -18.51 10.99
N LEU B 320 25.64 -19.36 10.42
CA LEU B 320 26.74 -19.92 11.15
C LEU B 320 28.06 -19.83 10.41
N VAL B 321 29.08 -19.33 11.10
CA VAL B 321 30.45 -19.43 10.60
C VAL B 321 31.38 -19.94 11.71
N VAL B 322 32.31 -20.82 11.32
CA VAL B 322 33.28 -21.40 12.23
C VAL B 322 34.70 -21.12 11.73
N ILE B 323 35.55 -20.59 12.60
CA ILE B 323 36.97 -20.41 12.28
C ILE B 323 37.78 -21.29 13.23
N CYS B 324 38.72 -22.07 12.70
CA CYS B 324 39.49 -22.97 13.55
C CYS B 324 40.95 -23.10 13.11
N GLU B 325 41.72 -23.90 13.87
CA GLU B 325 43.09 -24.27 13.53
C GLU B 325 43.11 -25.40 12.51
N SER B 326 43.79 -25.17 11.39
CA SER B 326 43.85 -26.15 10.31
C SER B 326 44.73 -27.35 10.67
N ALA B 327 44.33 -28.53 10.21
CA ALA B 327 45.09 -29.76 10.39
C ALA B 327 45.61 -30.29 9.05
N GLY B 328 45.73 -29.40 8.06
CA GLY B 328 46.07 -29.82 6.71
C GLY B 328 44.84 -29.94 5.84
N THR B 329 45.03 -29.73 4.54
CA THR B 329 43.95 -29.73 3.56
C THR B 329 43.05 -30.97 3.66
N GLN B 330 43.66 -32.15 3.64
CA GLN B 330 42.87 -33.39 3.60
C GLN B 330 42.18 -33.68 4.93
N GLU B 331 42.87 -33.39 6.04
CA GLU B 331 42.30 -33.56 7.38
C GLU B 331 41.10 -32.62 7.62
N ASP B 332 41.23 -31.37 7.20
CA ASP B 332 40.15 -30.38 7.30
C ASP B 332 38.93 -30.83 6.50
N ALA B 333 39.17 -31.41 5.32
CA ALA B 333 38.06 -31.88 4.49
C ALA B 333 37.35 -33.05 5.17
N ALA B 334 38.12 -33.91 5.84
CA ALA B 334 37.56 -35.03 6.59
C ALA B 334 36.78 -34.54 7.81
N SER B 335 37.38 -33.63 8.57
CA SER B 335 36.75 -33.06 9.76
C SER B 335 35.41 -32.40 9.45
N LEU B 336 35.36 -31.65 8.35
CA LEU B 336 34.12 -30.99 7.92
C LEU B 336 33.04 -32.00 7.64
N ARG B 337 33.40 -33.10 6.97
CA ARG B 337 32.42 -34.12 6.62
C ARG B 337 31.84 -34.72 7.88
N VAL B 338 32.71 -34.94 8.87
CA VAL B 338 32.29 -35.44 10.19
C VAL B 338 31.36 -34.39 10.85
N PHE B 339 31.75 -33.12 10.81
CA PHE B 339 30.92 -32.03 11.39
C PHE B 339 29.53 -32.01 10.76
N THR B 340 29.49 -32.19 9.45
CA THR B 340 28.27 -32.19 8.67
C THR B 340 27.46 -33.42 9.01
N GLU B 341 28.14 -34.54 9.29
CA GLU B 341 27.46 -35.77 9.64
C GLU B 341 26.75 -35.62 10.98
N ALA B 342 27.43 -34.99 11.94
CA ALA B 342 26.85 -34.77 13.28
C ALA B 342 25.69 -33.78 13.24
N MET B 343 25.86 -32.69 12.47
CA MET B 343 24.79 -31.71 12.27
C MET B 343 23.54 -32.35 11.68
N THR B 344 23.75 -33.27 10.74
CA THR B 344 22.65 -34.00 10.10
C THR B 344 21.91 -34.91 11.09
N ARG B 345 22.67 -35.62 11.94
CA ARG B 345 22.08 -36.43 13.00
C ARG B 345 21.23 -35.58 13.96
N TYR B 346 21.63 -34.33 14.12
CA TYR B 346 20.93 -33.37 15.00
C TYR B 346 19.75 -32.67 14.33
N SER B 347 19.37 -33.10 13.12
CA SER B 347 18.30 -32.48 12.33
CA SER B 347 18.32 -32.49 12.31
C SER B 347 18.70 -31.07 11.87
N ALA B 348 19.78 -31.01 11.09
CA ALA B 348 20.28 -29.76 10.50
C ALA B 348 21.24 -30.08 9.35
N PRO B 349 20.77 -30.85 8.35
CA PRO B 349 21.68 -31.13 7.24
C PRO B 349 21.83 -29.89 6.34
N PRO B 350 22.93 -29.82 5.58
CA PRO B 350 23.20 -28.59 4.83
C PRO B 350 22.43 -28.48 3.52
N GLY B 351 22.29 -27.27 3.02
CA GLY B 351 21.83 -27.03 1.66
C GLY B 351 23.01 -27.23 0.76
N ASP B 352 23.85 -26.19 0.66
CA ASP B 352 25.14 -26.31 0.01
C ASP B 352 26.05 -27.11 0.95
N PRO B 353 26.67 -28.21 0.46
CA PRO B 353 27.66 -28.87 1.33
C PRO B 353 28.83 -27.91 1.64
N PRO B 354 29.23 -27.80 2.92
CA PRO B 354 30.22 -26.80 3.31
C PRO B 354 31.61 -27.12 2.75
N GLN B 355 32.43 -26.09 2.57
CA GLN B 355 33.77 -26.26 2.06
C GLN B 355 34.74 -25.44 2.89
N PRO B 356 35.89 -26.03 3.24
CA PRO B 356 36.88 -25.28 4.01
C PRO B 356 37.51 -24.15 3.19
N GLU B 357 37.71 -23.01 3.82
CA GLU B 357 38.36 -21.88 3.17
C GLU B 357 39.61 -21.44 3.93
N TYR B 358 40.59 -20.94 3.19
CA TYR B 358 41.89 -20.57 3.74
C TYR B 358 42.18 -19.09 3.50
N ASP B 359 41.23 -18.43 2.83
CA ASP B 359 41.19 -16.98 2.64
C ASP B 359 39.90 -16.45 3.28
N LEU B 360 40.04 -15.68 4.36
CA LEU B 360 38.91 -15.09 5.07
C LEU B 360 37.93 -14.33 4.14
N GLU B 361 38.45 -13.78 3.05
CA GLU B 361 37.65 -12.94 2.14
C GLU B 361 36.67 -13.73 1.27
N LEU B 362 36.83 -15.05 1.23
CA LEU B 362 35.95 -15.94 0.45
C LEU B 362 34.85 -16.61 1.30
N ILE B 363 34.84 -16.32 2.59
CA ILE B 363 33.81 -16.86 3.47
C ILE B 363 32.64 -15.87 3.52
N THR B 364 31.44 -16.37 3.23
CA THR B 364 30.22 -15.59 3.35
C THR B 364 29.44 -15.96 4.62
N SER B 365 29.19 -14.96 5.47
CA SER B 365 28.37 -15.16 6.67
C SER B 365 27.54 -13.90 6.94
N CYS B 366 26.28 -14.10 7.32
CA CYS B 366 25.30 -13.03 7.30
C CYS B 366 25.33 -12.34 5.95
N SER B 367 25.29 -13.14 4.88
CA SER B 367 25.25 -12.64 3.49
C SER B 367 26.42 -11.71 3.13
N SER B 368 27.45 -11.70 3.95
CA SER B 368 28.54 -10.74 3.81
C SER B 368 29.90 -11.42 3.81
N ASN B 369 30.91 -10.72 3.30
CA ASN B 369 32.30 -11.16 3.39
C ASN B 369 33.23 -10.02 3.75
N VAL B 370 34.32 -10.38 4.43
CA VAL B 370 35.40 -9.44 4.73
C VAL B 370 36.18 -9.11 3.46
N SER B 371 36.48 -7.83 3.28
CA SER B 371 37.37 -7.37 2.23
C SER B 371 38.20 -6.24 2.81
N VAL B 372 39.19 -5.79 2.06
CA VAL B 372 40.12 -4.78 2.52
C VAL B 372 40.19 -3.58 1.56
N ALA B 373 40.28 -2.38 2.13
CA ALA B 373 40.57 -1.15 1.40
C ALA B 373 41.63 -0.36 2.16
N HIS B 374 41.84 0.90 1.78
CA HIS B 374 42.87 1.72 2.43
C HIS B 374 42.28 3.03 2.83
N ASP B 375 42.61 3.51 4.03
CA ASP B 375 42.06 4.78 4.50
C ASP B 375 42.87 5.98 3.98
N ALA B 376 42.58 7.19 4.46
CA ALA B 376 43.22 8.41 3.94
C ALA B 376 44.73 8.43 4.13
N SER B 377 45.24 7.73 5.15
CA SER B 377 46.69 7.62 5.36
C SER B 377 47.33 6.42 4.65
N GLY B 378 46.54 5.69 3.85
CA GLY B 378 47.04 4.49 3.14
C GLY B 378 47.03 3.23 3.98
N LYS B 379 46.52 3.34 5.21
CA LYS B 379 46.45 2.23 6.17
C LYS B 379 45.27 1.30 5.88
N ARG B 380 45.53 0.00 5.89
CA ARG B 380 44.53 -1.03 5.61
C ARG B 380 43.37 -1.02 6.59
N VAL B 381 42.17 -1.12 6.02
CA VAL B 381 40.94 -1.16 6.76
C VAL B 381 40.08 -2.31 6.24
N TYR B 382 39.75 -3.23 7.13
CA TYR B 382 38.82 -4.31 6.81
C TYR B 382 37.39 -3.82 6.95
N TYR B 383 36.52 -4.30 6.07
CA TYR B 383 35.11 -3.93 6.12
C TYR B 383 34.28 -5.08 5.54
N LEU B 384 32.99 -5.12 5.89
CA LEU B 384 32.07 -6.11 5.33
C LEU B 384 31.32 -5.60 4.12
N THR B 385 31.25 -6.48 3.12
CA THR B 385 30.60 -6.21 1.85
C THR B 385 29.78 -7.42 1.39
N ARG B 386 29.19 -7.30 0.21
CA ARG B 386 28.45 -8.41 -0.40
C ARG B 386 28.29 -8.18 -1.90
N ASP B 387 27.80 -9.19 -2.60
CA ASP B 387 27.32 -9.01 -3.96
C ASP B 387 26.15 -8.00 -3.89
N PRO B 388 26.22 -6.90 -4.67
CA PRO B 388 25.24 -5.83 -4.57
C PRO B 388 23.94 -6.08 -5.35
N THR B 389 23.81 -7.24 -5.99
CA THR B 389 22.66 -7.56 -6.85
C THR B 389 21.31 -7.37 -6.15
N THR B 390 21.10 -8.08 -5.04
CA THR B 390 19.83 -7.98 -4.31
C THR B 390 19.60 -6.57 -3.74
N PRO B 391 20.62 -5.96 -3.10
CA PRO B 391 20.47 -4.55 -2.74
C PRO B 391 20.03 -3.64 -3.89
N LEU B 392 20.63 -3.82 -5.06
CA LEU B 392 20.34 -2.94 -6.18
C LEU B 392 18.98 -3.27 -6.81
N ALA B 393 18.58 -4.54 -6.76
CA ALA B 393 17.26 -4.97 -7.26
C ALA B 393 16.16 -4.30 -6.44
N ARG B 394 16.34 -4.35 -5.12
CA ARG B 394 15.41 -3.77 -4.14
C ARG B 394 15.39 -2.24 -4.16
N ALA B 395 16.55 -1.63 -4.40
CA ALA B 395 16.66 -0.19 -4.63
C ALA B 395 15.89 0.28 -5.87
N ALA B 396 15.92 -0.51 -6.94
CA ALA B 396 15.11 -0.20 -8.13
C ALA B 396 13.62 -0.27 -7.84
N TRP B 397 13.20 -1.22 -7.01
CA TRP B 397 11.82 -1.39 -6.65
C TRP B 397 11.38 -0.19 -5.84
N GLU B 398 12.26 0.26 -4.96
CA GLU B 398 11.97 1.36 -4.03
C GLU B 398 12.11 2.73 -4.68
N THR B 399 12.71 2.75 -5.87
CA THR B 399 12.80 3.95 -6.70
C THR B 399 11.41 4.30 -7.26
N ALA B 400 10.60 3.29 -7.51
CA ALA B 400 9.26 3.48 -8.08
C ALA B 400 8.11 3.28 -7.08
N ARG B 401 8.38 2.61 -5.97
CA ARG B 401 7.36 2.26 -4.98
C ARG B 401 7.76 2.55 -3.54
N HIS B 402 6.87 3.18 -2.78
CA HIS B 402 7.04 3.31 -1.34
C HIS B 402 6.77 1.96 -0.70
N THR B 403 7.67 1.53 0.16
CA THR B 403 7.54 0.27 0.89
C THR B 403 7.57 0.55 2.39
N PRO B 404 7.09 -0.40 3.21
CA PRO B 404 7.12 -0.18 4.66
C PRO B 404 8.55 -0.17 5.20
N VAL B 405 9.41 -0.99 4.61
CA VAL B 405 10.82 -1.04 5.01
C VAL B 405 11.66 -0.59 3.82
N ASN B 406 12.50 0.41 4.07
CA ASN B 406 13.37 0.96 3.05
C ASN B 406 14.69 0.22 3.05
N SER B 407 14.75 -0.88 2.31
CA SER B 407 15.99 -1.68 2.26
C SER B 407 17.23 -0.83 1.96
N TRP B 408 17.07 0.17 1.08
CA TRP B 408 18.22 0.99 0.64
C TRP B 408 18.89 1.72 1.81
N LEU B 409 18.09 2.14 2.78
CA LEU B 409 18.57 2.87 3.92
C LEU B 409 19.28 1.94 4.91
N GLY B 410 18.72 0.77 5.14
CA GLY B 410 19.42 -0.26 5.93
C GLY B 410 20.72 -0.71 5.27
N ASN B 411 20.73 -0.79 3.94
CA ASN B 411 21.95 -1.19 3.22
C ASN B 411 23.07 -0.15 3.29
N ILE B 412 22.71 1.14 3.16
CA ILE B 412 23.69 2.21 3.38
C ILE B 412 24.26 2.15 4.80
N ILE B 413 23.40 2.05 5.81
CA ILE B 413 23.83 1.95 7.20
C ILE B 413 24.80 0.78 7.44
N MET B 414 24.46 -0.40 6.93
CA MET B 414 25.22 -1.59 7.26
C MET B 414 26.42 -1.82 6.33
N TYR B 415 26.34 -1.28 5.11
CA TYR B 415 27.41 -1.45 4.10
C TYR B 415 28.06 -0.13 3.65
N ALA B 416 28.02 0.86 4.53
CA ALA B 416 28.50 2.21 4.23
C ALA B 416 29.94 2.34 3.73
N PRO B 417 30.86 1.49 4.22
CA PRO B 417 32.24 1.60 3.76
C PRO B 417 32.45 1.02 2.35
N THR B 418 31.44 0.34 1.80
CA THR B 418 31.59 -0.40 0.55
C THR B 418 31.52 0.51 -0.69
N LEU B 419 32.16 0.06 -1.77
CA LEU B 419 32.20 0.81 -3.01
C LEU B 419 30.82 1.10 -3.59
N TRP B 420 29.97 0.08 -3.61
CA TRP B 420 28.68 0.16 -4.27
C TRP B 420 27.65 0.97 -3.46
N ALA B 421 27.70 0.87 -2.13
CA ALA B 421 26.78 1.65 -1.28
C ALA B 421 27.09 3.15 -1.32
N ARG B 422 28.37 3.49 -1.35
CA ARG B 422 28.82 4.88 -1.48
C ARG B 422 28.52 5.48 -2.86
N MET B 423 28.96 4.81 -3.92
CA MET B 423 28.87 5.38 -5.25
C MET B 423 27.44 5.36 -5.85
N ILE B 424 26.67 4.32 -5.54
CA ILE B 424 25.35 4.15 -6.15
C ILE B 424 24.20 4.47 -5.18
N LEU B 425 24.08 3.69 -4.11
CA LEU B 425 22.98 3.89 -3.15
C LEU B 425 22.91 5.29 -2.54
N MET B 426 24.04 5.79 -2.05
CA MET B 426 24.07 7.16 -1.49
C MET B 426 23.71 8.19 -2.56
N THR B 427 24.35 8.10 -3.72
CA THR B 427 24.17 9.06 -4.82
C THR B 427 22.74 9.07 -5.32
N HIS B 428 22.23 7.89 -5.64
CA HIS B 428 20.88 7.75 -6.17
C HIS B 428 19.81 8.30 -5.18
N PHE B 429 19.85 7.89 -3.93
CA PHE B 429 18.75 8.22 -3.01
C PHE B 429 18.83 9.61 -2.42
N PHE B 430 20.04 10.15 -2.27
CA PHE B 430 20.16 11.55 -1.90
C PHE B 430 19.65 12.47 -2.99
N SER B 431 19.89 12.10 -4.24
CA SER B 431 19.31 12.77 -5.39
C SER B 431 17.80 12.82 -5.29
N ILE B 432 17.18 11.67 -5.04
CA ILE B 432 15.72 11.57 -4.91
C ILE B 432 15.23 12.45 -3.76
N LEU B 433 15.91 12.38 -2.62
CA LEU B 433 15.50 13.15 -1.42
C LEU B 433 15.61 14.65 -1.63
N LEU B 434 16.66 15.08 -2.33
CA LEU B 434 16.85 16.48 -2.67
C LEU B 434 15.73 16.97 -3.55
N ALA B 435 15.45 16.23 -4.62
CA ALA B 435 14.41 16.60 -5.58
C ALA B 435 13.02 16.69 -4.94
N GLN B 436 12.75 15.84 -3.95
CA GLN B 436 11.43 15.80 -3.32
C GLN B 436 11.37 16.66 -2.05
N GLU B 437 12.49 17.30 -1.73
CA GLU B 437 12.67 18.02 -0.45
C GLU B 437 12.27 17.16 0.76
N GLN B 438 12.83 15.95 0.82
CA GLN B 438 12.47 15.00 1.87
C GLN B 438 13.68 14.54 2.70
N LEU B 439 14.69 15.39 2.75
CA LEU B 439 15.89 15.09 3.53
C LEU B 439 15.56 14.94 5.02
N GLU B 440 14.61 15.73 5.52
CA GLU B 440 14.22 15.67 6.94
C GLU B 440 13.19 14.59 7.29
N LYS B 441 12.58 13.95 6.29
CA LYS B 441 11.55 12.95 6.54
C LYS B 441 12.14 11.66 7.13
N ALA B 442 11.68 11.31 8.33
CA ALA B 442 12.09 10.06 8.98
C ALA B 442 11.61 8.86 8.16
N LEU B 443 12.44 7.83 8.06
CA LEU B 443 12.09 6.64 7.30
C LEU B 443 12.27 5.38 8.13
N ASP B 444 11.38 4.41 7.93
CA ASP B 444 11.45 3.13 8.64
C ASP B 444 12.44 2.17 7.99
N CYS B 445 13.23 1.49 8.81
CA CYS B 445 14.08 0.40 8.34
C CYS B 445 14.39 -0.65 9.43
N GLN B 446 14.81 -1.82 8.97
CA GLN B 446 15.06 -2.96 9.87
C GLN B 446 16.55 -3.25 10.00
N ILE B 447 17.02 -3.20 11.24
CA ILE B 447 18.38 -3.57 11.59
C ILE B 447 18.29 -4.74 12.55
N TYR B 448 18.86 -5.87 12.15
CA TYR B 448 18.77 -7.11 12.94
C TYR B 448 17.31 -7.49 13.29
N GLY B 449 16.38 -7.19 12.39
CA GLY B 449 14.99 -7.61 12.50
C GLY B 449 14.09 -6.66 13.26
N ALA B 450 14.67 -5.72 14.00
CA ALA B 450 13.90 -4.70 14.74
C ALA B 450 13.67 -3.49 13.82
N CYS B 451 12.56 -2.78 14.03
CA CYS B 451 12.25 -1.64 13.17
C CYS B 451 12.65 -0.31 13.80
N TYR B 452 13.28 0.54 13.00
CA TYR B 452 13.77 1.84 13.46
C TYR B 452 13.28 2.95 12.56
N SER B 453 12.79 4.03 13.16
CA SER B 453 12.57 5.26 12.41
C SER B 453 13.88 6.05 12.38
N ILE B 454 14.37 6.33 11.17
CA ILE B 454 15.67 6.96 10.98
C ILE B 454 15.61 8.15 10.04
N GLU B 455 16.26 9.23 10.46
CA GLU B 455 16.41 10.41 9.64
C GLU B 455 17.67 10.30 8.79
N PRO B 456 17.52 10.31 7.45
CA PRO B 456 18.65 10.26 6.52
C PRO B 456 19.72 11.32 6.73
N LEU B 457 19.36 12.48 7.31
CA LEU B 457 20.34 13.53 7.61
C LEU B 457 21.27 13.14 8.77
N ASP B 458 20.84 12.18 9.60
CA ASP B 458 21.68 11.63 10.66
C ASP B 458 22.69 10.59 10.17
N LEU B 459 22.61 10.24 8.89
CA LEU B 459 23.52 9.21 8.34
C LEU B 459 25.04 9.38 8.64
N PRO B 460 25.60 10.60 8.48
CA PRO B 460 27.04 10.70 8.77
C PRO B 460 27.43 10.30 10.19
N GLN B 461 26.65 10.72 11.19
CA GLN B 461 26.89 10.37 12.58
C GLN B 461 26.75 8.88 12.81
N ILE B 462 25.71 8.28 12.24
CA ILE B 462 25.46 6.85 12.37
C ILE B 462 26.65 6.08 11.81
N ILE B 463 27.07 6.46 10.60
CA ILE B 463 28.17 5.77 9.93
C ILE B 463 29.49 5.89 10.71
N GLU B 464 29.81 7.08 11.25
CA GLU B 464 31.00 7.23 12.11
C GLU B 464 30.98 6.24 13.27
N ARG B 465 29.80 6.07 13.87
CA ARG B 465 29.64 5.24 15.05
C ARG B 465 29.80 3.74 14.77
N LEU B 466 29.21 3.28 13.68
CA LEU B 466 29.19 1.85 13.40
C LEU B 466 30.42 1.41 12.59
N HIS B 467 31.05 2.35 11.89
CA HIS B 467 32.16 2.02 11.00
C HIS B 467 33.48 2.77 11.25
N GLY B 468 33.45 3.88 11.98
CA GLY B 468 34.60 4.77 12.09
C GLY B 468 34.67 5.78 10.95
N LEU B 469 35.49 6.83 11.13
CA LEU B 469 35.64 7.90 10.12
C LEU B 469 36.25 7.43 8.82
N SER B 470 37.02 6.35 8.87
CA SER B 470 37.65 5.77 7.69
C SER B 470 36.64 5.38 6.61
N ALA B 471 35.40 5.09 7.02
CA ALA B 471 34.30 4.78 6.09
C ALA B 471 34.08 5.85 5.02
N PHE B 472 34.41 7.10 5.35
CA PHE B 472 34.25 8.24 4.44
C PHE B 472 35.48 8.51 3.59
N SER B 473 36.52 7.70 3.74
CA SER B 473 37.77 7.97 3.04
C SER B 473 38.45 6.74 2.43
N LEU B 474 37.73 5.62 2.40
CA LEU B 474 38.29 4.37 1.86
C LEU B 474 38.51 4.40 0.36
N HIS B 475 39.70 3.99 -0.06
CA HIS B 475 40.07 3.94 -1.47
C HIS B 475 40.82 2.64 -1.74
N SER B 476 41.18 2.42 -3.00
CA SER B 476 41.97 1.27 -3.40
C SER B 476 41.31 -0.05 -2.95
N TYR B 477 40.05 -0.22 -3.34
CA TYR B 477 39.32 -1.45 -3.10
C TYR B 477 40.01 -2.59 -3.85
N SER B 478 39.84 -3.82 -3.36
CA SER B 478 40.48 -4.99 -3.95
C SER B 478 39.96 -5.32 -5.35
N PRO B 479 40.82 -5.89 -6.23
CA PRO B 479 40.39 -6.30 -7.58
C PRO B 479 39.15 -7.20 -7.58
N GLY B 480 39.11 -8.18 -6.67
CA GLY B 480 37.95 -9.06 -6.52
C GLY B 480 36.65 -8.33 -6.18
N GLU B 481 36.72 -7.38 -5.24
CA GLU B 481 35.55 -6.57 -4.90
C GLU B 481 35.10 -5.72 -6.11
N ILE B 482 36.04 -5.01 -6.73
CA ILE B 482 35.76 -4.20 -7.92
C ILE B 482 35.15 -5.02 -9.08
N ASN B 483 35.70 -6.20 -9.34
CA ASN B 483 35.18 -7.08 -10.40
C ASN B 483 33.75 -7.54 -10.11
N ARG B 484 33.47 -7.84 -8.84
CA ARG B 484 32.13 -8.30 -8.47
C ARG B 484 31.10 -7.20 -8.69
N VAL B 485 31.42 -5.98 -8.29
CA VAL B 485 30.50 -4.86 -8.46
C VAL B 485 30.27 -4.64 -9.96
N ALA B 486 31.38 -4.56 -10.70
CA ALA B 486 31.37 -4.42 -12.17
C ALA B 486 30.47 -5.44 -12.88
N SER B 487 30.57 -6.70 -12.46
CA SER B 487 29.76 -7.77 -13.03
C SER B 487 28.27 -7.57 -12.79
N CYS B 488 27.94 -7.10 -11.58
CA CYS B 488 26.55 -6.83 -11.20
C CYS B 488 25.95 -5.73 -12.04
N LEU B 489 26.72 -4.67 -12.28
CA LEU B 489 26.24 -3.52 -13.04
C LEU B 489 25.92 -3.94 -14.47
N ARG B 490 26.76 -4.80 -15.05
CA ARG B 490 26.51 -5.35 -16.39
C ARG B 490 25.23 -6.18 -16.45
N LYS B 491 25.07 -7.05 -15.46
CA LYS B 491 23.90 -7.93 -15.37
C LYS B 491 22.61 -7.12 -15.31
N LEU B 492 22.55 -6.17 -14.38
CA LEU B 492 21.37 -5.36 -14.16
C LEU B 492 21.20 -4.19 -15.14
N GLY B 493 22.29 -3.81 -15.81
CA GLY B 493 22.27 -2.66 -16.70
C GLY B 493 22.21 -1.34 -15.93
N VAL B 494 23.04 -1.26 -14.89
CA VAL B 494 23.25 -0.07 -14.09
C VAL B 494 24.39 0.68 -14.78
N PRO B 495 24.29 2.03 -14.85
CA PRO B 495 25.37 2.87 -15.37
C PRO B 495 26.73 2.59 -14.72
N PRO B 496 27.82 2.72 -15.50
CA PRO B 496 29.17 2.49 -14.97
C PRO B 496 29.48 3.47 -13.83
N LEU B 497 30.46 3.12 -13.01
CA LEU B 497 30.81 3.91 -11.84
C LEU B 497 31.32 5.33 -12.16
N ARG B 498 31.81 5.53 -13.37
CA ARG B 498 32.19 6.88 -13.82
C ARG B 498 30.98 7.82 -13.87
N VAL B 499 29.82 7.29 -14.23
CA VAL B 499 28.57 8.05 -14.29
C VAL B 499 28.13 8.41 -12.86
N TRP B 500 28.20 7.42 -11.96
CA TRP B 500 27.91 7.62 -10.54
C TRP B 500 28.81 8.66 -9.86
N ARG B 501 30.10 8.65 -10.19
CA ARG B 501 30.98 9.72 -9.72
C ARG B 501 30.50 11.10 -10.21
N HIS B 502 30.09 11.17 -11.48
CA HIS B 502 29.58 12.43 -12.05
C HIS B 502 28.35 12.95 -11.30
N ARG B 503 27.34 12.11 -11.15
CA ARG B 503 26.11 12.49 -10.44
C ARG B 503 26.41 12.86 -8.99
N ALA B 504 27.36 12.15 -8.39
CA ALA B 504 27.72 12.37 -6.98
C ALA B 504 28.29 13.77 -6.75
N ARG B 505 29.12 14.24 -7.69
CA ARG B 505 29.63 15.62 -7.65
C ARG B 505 28.47 16.60 -7.58
N SER B 506 27.44 16.38 -8.41
CA SER B 506 26.23 17.19 -8.42
C SER B 506 25.48 17.12 -7.11
N VAL B 507 25.20 15.89 -6.66
CA VAL B 507 24.47 15.66 -5.41
C VAL B 507 25.18 16.29 -4.21
N ARG B 508 26.49 16.12 -4.13
CA ARG B 508 27.31 16.76 -3.10
C ARG B 508 27.19 18.28 -3.09
N ALA B 509 27.33 18.89 -4.28
CA ALA B 509 27.25 20.35 -4.43
C ALA B 509 25.88 20.88 -4.01
N ARG B 510 24.84 20.15 -4.41
CA ARG B 510 23.46 20.49 -4.03
C ARG B 510 23.30 20.40 -2.52
N LEU B 511 23.80 19.32 -1.92
CA LEU B 511 23.77 19.17 -0.45
C LEU B 511 24.51 20.28 0.29
N LEU B 512 25.72 20.59 -0.17
CA LEU B 512 26.49 21.70 0.40
C LEU B 512 25.76 23.05 0.30
N SER B 513 25.15 23.31 -0.86
CA SER B 513 24.37 24.53 -1.11
C SER B 513 23.40 24.87 0.02
N GLN B 514 22.90 23.83 0.69
CA GLN B 514 21.76 23.98 1.61
C GLN B 514 22.12 24.17 3.09
N GLY B 515 23.41 24.15 3.40
CA GLY B 515 23.90 24.32 4.78
C GLY B 515 23.38 23.27 5.75
N GLY B 516 23.68 23.46 7.03
CA GLY B 516 23.22 22.57 8.10
C GLY B 516 23.53 21.10 7.90
N ARG B 517 22.65 20.24 8.41
CA ARG B 517 22.83 18.78 8.33
C ARG B 517 23.02 18.26 6.91
N ALA B 518 22.30 18.84 5.96
CA ALA B 518 22.48 18.56 4.53
C ALA B 518 23.93 18.76 4.05
N ALA B 519 24.54 19.86 4.47
CA ALA B 519 25.92 20.15 4.09
C ALA B 519 26.89 19.13 4.68
N THR B 520 26.64 18.74 5.92
CA THR B 520 27.38 17.68 6.59
C THR B 520 27.32 16.39 5.77
N CYS B 521 26.11 16.03 5.32
CA CYS B 521 25.91 14.91 4.39
C CYS B 521 26.73 15.05 3.09
N GLY B 522 26.64 16.20 2.42
CA GLY B 522 27.49 16.44 1.25
C GLY B 522 28.98 16.29 1.55
N LYS B 523 29.40 16.86 2.67
CA LYS B 523 30.81 16.85 3.12
C LYS B 523 31.36 15.44 3.32
N TYR B 524 30.69 14.66 4.17
CA TYR B 524 31.18 13.36 4.63
C TYR B 524 30.92 12.22 3.66
N LEU B 525 29.68 12.11 3.21
CA LEU B 525 29.27 10.96 2.40
C LEU B 525 29.85 11.01 1.01
N PHE B 526 30.21 12.20 0.54
CA PHE B 526 30.61 12.36 -0.85
C PHE B 526 32.01 12.95 -1.05
N ASN B 527 32.82 12.97 0.02
CA ASN B 527 34.19 13.44 -0.10
C ASN B 527 34.97 12.65 -1.15
N TRP B 528 34.54 11.42 -1.41
CA TRP B 528 35.14 10.55 -2.43
C TRP B 528 34.95 11.06 -3.84
N ALA B 529 33.95 11.92 -4.05
CA ALA B 529 33.56 12.37 -5.40
C ALA B 529 34.45 13.49 -5.96
N VAL B 530 35.24 14.11 -5.09
CA VAL B 530 36.08 15.25 -5.45
C VAL B 530 37.57 14.96 -5.21
N LYS B 531 38.44 15.69 -5.90
CA LYS B 531 39.88 15.55 -5.73
C LYS B 531 40.38 16.51 -4.67
N THR B 532 39.85 17.73 -4.68
CA THR B 532 40.16 18.71 -3.65
C THR B 532 39.33 18.41 -2.39
N LYS B 533 39.81 17.46 -1.59
CA LYS B 533 39.08 16.91 -0.44
C LYS B 533 38.87 17.91 0.69
N LEU B 534 37.77 17.74 1.43
CA LEU B 534 37.55 18.50 2.67
C LEU B 534 38.13 17.73 3.85
N LYS B 535 38.28 18.41 4.99
CA LYS B 535 38.83 17.78 6.19
C LYS B 535 37.73 17.14 7.02
N LEU B 536 37.79 15.82 7.16
CA LEU B 536 36.74 15.07 7.86
C LEU B 536 37.10 14.77 9.32
N THR B 537 36.57 15.61 10.20
CA THR B 537 36.84 15.52 11.64
C THR B 537 35.74 14.74 12.33
N PRO B 538 35.99 14.25 13.57
CA PRO B 538 34.92 13.61 14.32
C PRO B 538 33.68 14.50 14.46
N ILE B 539 32.51 13.95 14.13
CA ILE B 539 31.27 14.72 14.15
C ILE B 539 30.75 14.83 15.58
N PRO B 540 30.55 16.06 16.08
CA PRO B 540 30.09 16.29 17.47
C PRO B 540 28.79 15.53 17.82
N ALA B 541 27.84 15.53 16.88
CA ALA B 541 26.56 14.87 17.09
C ALA B 541 26.66 13.36 17.33
N ALA B 542 27.73 12.74 16.81
CA ALA B 542 27.95 11.30 16.94
C ALA B 542 28.01 10.87 18.40
N SER B 543 28.77 11.62 19.21
CA SER B 543 28.98 11.31 20.63
C SER B 543 27.68 11.20 21.43
N GLN B 544 26.69 12.04 21.10
CA GLN B 544 25.44 12.09 21.84
C GLN B 544 24.29 11.27 21.22
N LEU B 545 24.55 10.64 20.08
CA LEU B 545 23.55 9.80 19.41
C LEU B 545 23.23 8.59 20.30
N ASP B 546 21.95 8.37 20.56
CA ASP B 546 21.51 7.24 21.37
C ASP B 546 21.34 6.01 20.50
N LEU B 547 22.35 5.14 20.52
CA LEU B 547 22.34 3.93 19.72
C LEU B 547 22.24 2.68 20.60
N SER B 548 21.88 2.89 21.87
CA SER B 548 21.62 1.78 22.78
C SER B 548 20.40 1.02 22.28
N GLY B 549 20.58 -0.28 22.05
CA GLY B 549 19.48 -1.09 21.54
C GLY B 549 19.68 -1.49 20.09
N TRP B 550 20.60 -0.82 19.41
CA TRP B 550 20.84 -1.12 18.01
C TRP B 550 21.45 -2.50 17.80
N PHE B 551 22.52 -2.78 18.56
CA PHE B 551 23.28 -4.02 18.41
C PHE B 551 23.35 -4.76 19.73
N VAL B 552 22.17 -5.17 20.19
CA VAL B 552 22.00 -5.92 21.42
C VAL B 552 21.58 -7.35 21.07
N ALA B 553 20.48 -7.49 20.33
CA ALA B 553 19.94 -8.79 19.97
C ALA B 553 19.30 -8.79 18.58
N GLY B 554 18.97 -9.98 18.09
CA GLY B 554 18.21 -10.12 16.86
C GLY B 554 16.74 -10.32 17.17
N TYR B 555 15.88 -9.81 16.30
CA TYR B 555 14.42 -9.88 16.50
C TYR B 555 13.65 -10.22 15.22
N SER B 556 14.30 -10.91 14.28
CA SER B 556 13.64 -11.26 13.04
C SER B 556 12.30 -11.92 13.30
N GLY B 557 11.26 -11.42 12.64
CA GLY B 557 9.90 -11.93 12.83
C GLY B 557 9.27 -11.52 14.17
N GLY B 558 10.04 -10.87 15.02
CA GLY B 558 9.63 -10.62 16.40
C GLY B 558 8.73 -9.43 16.65
N ASP B 559 8.36 -8.69 15.60
CA ASP B 559 7.40 -7.57 15.72
C ASP B 559 7.91 -6.50 16.73
N ILE B 560 9.19 -6.15 16.60
CA ILE B 560 9.86 -5.18 17.49
C ILE B 560 10.09 -3.79 16.84
N TYR B 561 9.73 -2.75 17.58
CA TYR B 561 9.92 -1.36 17.15
C TYR B 561 10.77 -0.63 18.19
N HIS B 562 11.80 0.07 17.75
CA HIS B 562 12.73 0.75 18.66
C HIS B 562 12.86 2.26 18.39
F34 YAK C . -16.82 4.66 -1.01
C11 YAK C . -17.72 5.36 -1.71
C5 YAK C . -19.09 5.01 -1.69
C6 YAK C . -17.29 6.45 -2.46
C2 YAK C . -18.20 7.20 -3.20
C8 YAK C . -19.55 6.87 -3.17
C1 YAK C . -20.00 5.77 -2.43
C23 YAK C . -20.51 7.67 -3.99
N26 YAK C . -20.17 7.48 -5.40
C21 YAK C . -20.78 6.34 -6.08
C19 YAK C . -22.24 6.58 -6.50
C17 YAK C . -22.50 5.48 -7.51
C20 YAK C . -20.03 5.87 -7.35
C18 YAK C . -21.16 5.21 -8.20
C14 YAK C . -19.24 6.97 -8.07
O33 YAK C . -18.79 6.71 -9.33
C16 YAK C . -19.29 8.35 -6.03
O28 YAK C . -18.71 9.29 -5.45
C13 YAK C . -18.98 8.16 -7.47
C15 YAK C . -18.49 9.38 -8.15
N24 YAK C . -18.17 10.45 -7.45
C9 YAK C . -17.67 11.64 -8.02
C3 YAK C . -17.46 12.75 -7.16
N25 YAK C . -18.45 9.30 -9.56
S35 YAK C . -17.65 10.46 -10.48
O29 YAK C . -18.54 10.94 -11.52
O30 YAK C . -16.33 9.94 -10.75
C12 YAK C . -17.40 11.82 -9.39
C7 YAK C . -16.92 13.02 -9.90
C10 YAK C . -16.70 14.11 -9.02
C4 YAK C . -16.98 13.96 -7.66
N27 YAK C . -16.22 15.38 -9.49
S36 YAK C . -15.52 15.62 -11.04
O31 YAK C . -14.76 16.86 -11.01
O32 YAK C . -14.84 14.41 -11.45
C22 YAK C . -16.89 15.91 -12.13
F34 YAK D . 28.07 -6.21 10.23
C11 YAK D . 27.13 -6.61 9.36
C5 YAK D . 26.99 -6.01 8.11
C6 YAK D . 26.29 -7.65 9.76
C2 YAK D . 25.31 -8.11 8.89
C8 YAK D . 25.16 -7.52 7.64
C1 YAK D . 25.99 -6.46 7.24
C23 YAK D . 24.06 -8.02 6.74
N26 YAK D . 22.81 -7.76 7.46
C21 YAK D . 22.22 -6.42 7.31
C19 YAK D . 21.38 -6.20 6.05
C17 YAK D . 20.67 -4.87 6.33
C20 YAK D . 21.31 -5.98 8.48
C18 YAK D . 20.34 -4.96 7.82
C14 YAK D . 20.61 -7.14 9.16
O33 YAK D . 19.47 -6.85 9.86
C16 YAK D . 22.27 -8.75 8.28
O28 YAK D . 22.78 -9.88 8.36
C13 YAK D . 21.03 -8.42 9.08
C15 YAK D . 20.24 -9.58 9.55
N24 YAK D . 20.74 -10.76 9.51
C9 YAK D . 20.07 -11.92 9.91
C3 YAK D . 20.76 -13.13 9.70
N25 YAK D . 18.90 -9.31 9.94
S35 YAK D . 17.95 -10.44 10.76
O29 YAK D . 16.63 -10.48 10.16
O30 YAK D . 18.08 -10.16 12.20
C12 YAK D . 18.80 -11.95 10.48
C7 YAK D . 18.21 -13.17 10.86
C10 YAK D . 18.92 -14.35 10.65
C4 YAK D . 20.19 -14.34 10.08
N27 YAK D . 18.39 -15.65 10.99
S36 YAK D . 17.02 -15.85 12.01
O31 YAK D . 17.12 -17.19 12.54
O32 YAK D . 16.86 -14.73 12.92
C22 YAK D . 15.61 -15.86 10.94
#